data_1ISX
#
_entry.id   1ISX
#
_cell.length_a   75.370
_cell.length_b   94.460
_cell.length_c   138.270
_cell.angle_alpha   90.00
_cell.angle_beta   90.00
_cell.angle_gamma   90.00
#
_symmetry.space_group_name_H-M   'P 21 21 21'
#
loop_
_entity.id
_entity.type
_entity.pdbx_description
1 polymer endo-1,4-beta-D-xylanase
2 branched beta-D-xylopyranose-(1-4)-beta-D-xylopyranose-(1-4)-beta-D-xylopyranose
3 branched beta-D-xylopyranose-(1-4)-beta-D-xylopyranose
4 non-polymer beta-D-xylopyranose
5 water water
#
_entity_poly.entity_id   1
_entity_poly.type   'polypeptide(L)'
_entity_poly.pdbx_seq_one_letter_code
;AESTLGAAAAQSGRYFGTAIASGKLGDSAYTTIASREFNMVTAENEMKIDATEPQRGQFNFSAGDRVYNWAVQNGKQVRG
HTLAWHSQQPGWMQSLSGSTLRQAMIDHINGVMGHYKGKIAQWDVVNEAFSDDGSGGRRDSNLQRTGNDWIEVAFRTARA
ADPAAKLCYNDYNIENWTWAKTQGVYNMVRDFKQRGVPIDCVGFQSHFNSGSPYNSNFRTTLQNFAALGVDVAITELDIQ
GASSSTYAAVTNDCLAVSRCLGITVWGVRDTDSWRSGDTPLLFNGDGSKKAAYTAVLNALNGGSSTPPPSGGGQIKGVGS
GRCLDVPNASTTDGTQVQLYDCHSATNQQWTYTDAGELRVYGDKCLDAAGTGNGTKVQIYSCWGGDNQKWRLNSDGSIVG
VQSGLCLDAVGGGTANGTLIQLYSCSNGSNQRWTRT
;
_entity_poly.pdbx_strand_id   A,B
#
loop_
_chem_comp.id
_chem_comp.type
_chem_comp.name
_chem_comp.formula
XYP D-saccharide, beta linking beta-D-xylopyranose 'C5 H10 O5'
#
# COMPACT_ATOMS: atom_id res chain seq x y z
N ALA A 1 -8.32 30.46 -12.72
CA ALA A 1 -7.58 29.17 -12.83
C ALA A 1 -7.41 28.58 -11.44
N GLU A 2 -7.94 27.37 -11.23
CA GLU A 2 -7.86 26.73 -9.93
C GLU A 2 -8.19 25.23 -9.97
N SER A 3 -8.19 24.63 -11.15
CA SER A 3 -8.49 23.20 -11.28
C SER A 3 -7.22 22.35 -11.41
N THR A 4 -6.09 23.02 -11.67
CA THR A 4 -4.80 22.32 -11.80
C THR A 4 -3.80 22.99 -10.86
N LEU A 5 -2.81 22.22 -10.40
CA LEU A 5 -1.79 22.73 -9.48
C LEU A 5 -1.08 23.98 -10.00
N GLY A 6 -0.56 23.90 -11.22
CA GLY A 6 0.14 25.05 -11.80
C GLY A 6 -0.70 26.30 -11.77
N ALA A 7 -1.95 26.18 -12.20
CA ALA A 7 -2.89 27.30 -12.24
C ALA A 7 -3.20 27.83 -10.85
N ALA A 8 -3.46 26.93 -9.90
CA ALA A 8 -3.75 27.37 -8.54
C ALA A 8 -2.54 28.12 -8.00
N ALA A 9 -1.35 27.61 -8.27
CA ALA A 9 -0.11 28.25 -7.81
C ALA A 9 0.07 29.62 -8.44
N ALA A 10 -0.28 29.72 -9.73
CA ALA A 10 -0.14 30.97 -10.47
C ALA A 10 -0.93 32.10 -9.83
N GLN A 11 -2.04 31.78 -9.18
CA GLN A 11 -2.88 32.78 -8.52
C GLN A 11 -2.09 33.63 -7.54
N SER A 12 -1.10 33.04 -6.87
CA SER A 12 -0.33 33.80 -5.91
C SER A 12 1.04 34.18 -6.46
N GLY A 13 1.19 34.08 -7.77
CA GLY A 13 2.44 34.43 -8.41
C GLY A 13 3.49 33.34 -8.33
N ARG A 14 3.09 32.18 -7.82
CA ARG A 14 4.01 31.06 -7.68
C ARG A 14 3.83 30.06 -8.81
N TYR A 15 4.62 28.99 -8.78
CA TYR A 15 4.53 27.94 -9.78
C TYR A 15 4.48 26.59 -9.09
N PHE A 16 4.07 25.57 -9.82
CA PHE A 16 4.07 24.24 -9.26
C PHE A 16 4.65 23.36 -10.37
N GLY A 17 5.84 22.82 -10.13
CA GLY A 17 6.47 22.01 -11.15
C GLY A 17 6.71 20.56 -10.81
N THR A 18 7.40 19.87 -11.71
CA THR A 18 7.73 18.48 -11.52
C THR A 18 9.06 18.20 -12.20
N ALA A 19 9.55 16.99 -12.05
CA ALA A 19 10.79 16.59 -12.69
C ALA A 19 10.37 15.77 -13.89
N ILE A 20 10.86 16.13 -15.06
CA ILE A 20 10.52 15.43 -16.30
C ILE A 20 11.65 14.51 -16.76
N ALA A 21 11.28 13.27 -17.11
CA ALA A 21 12.21 12.28 -17.61
C ALA A 21 12.02 12.20 -19.11
N SER A 22 13.05 12.51 -19.88
CA SER A 22 12.97 12.49 -21.34
C SER A 22 12.49 11.17 -21.91
N GLY A 23 12.78 10.07 -21.24
CA GLY A 23 12.35 8.78 -21.74
C GLY A 23 10.86 8.52 -21.63
N LYS A 24 10.18 9.33 -20.84
CA LYS A 24 8.74 9.17 -20.63
C LYS A 24 7.90 10.14 -21.45
N LEU A 25 8.54 11.05 -22.17
CA LEU A 25 7.81 12.02 -22.97
C LEU A 25 7.08 11.38 -24.16
N GLY A 26 7.30 10.09 -24.37
CA GLY A 26 6.62 9.40 -25.45
C GLY A 26 5.41 8.64 -24.93
N ASP A 27 5.25 8.68 -23.61
CA ASP A 27 4.15 8.01 -22.90
C ASP A 27 3.01 9.03 -22.78
N SER A 28 1.95 8.85 -23.55
CA SER A 28 0.84 9.79 -23.52
C SER A 28 0.13 9.96 -22.18
N ALA A 29 0.09 8.91 -21.36
CA ALA A 29 -0.57 9.04 -20.05
C ALA A 29 0.31 9.92 -19.16
N TYR A 30 1.62 9.84 -19.39
CA TYR A 30 2.58 10.62 -18.62
C TYR A 30 2.42 12.09 -18.99
N THR A 31 2.57 12.41 -20.27
CA THR A 31 2.48 13.79 -20.73
C THR A 31 1.11 14.42 -20.54
N THR A 32 0.05 13.62 -20.61
CA THR A 32 -1.28 14.17 -20.41
C THR A 32 -1.35 14.79 -19.02
N ILE A 33 -0.79 14.12 -18.02
CA ILE A 33 -0.78 14.67 -16.66
C ILE A 33 0.23 15.83 -16.53
N ALA A 34 1.47 15.60 -16.96
CA ALA A 34 2.51 16.62 -16.87
C ALA A 34 2.18 17.98 -17.49
N SER A 35 1.76 17.98 -18.75
CA SER A 35 1.42 19.22 -19.43
C SER A 35 0.24 19.96 -18.79
N ARG A 36 -0.70 19.20 -18.23
CA ARG A 36 -1.89 19.79 -17.60
C ARG A 36 -1.67 20.35 -16.21
N GLU A 37 -0.92 19.62 -15.39
CA GLU A 37 -0.72 20.00 -13.99
C GLU A 37 0.40 20.94 -13.59
N PHE A 38 1.50 20.97 -14.36
CA PHE A 38 2.64 21.79 -13.97
C PHE A 38 3.01 22.92 -14.91
N ASN A 39 3.50 24.03 -14.35
CA ASN A 39 3.93 25.17 -15.16
C ASN A 39 5.41 25.46 -14.92
N MET A 40 6.14 24.45 -14.46
CA MET A 40 7.57 24.56 -14.22
C MET A 40 8.17 23.17 -14.38
N VAL A 41 9.33 23.09 -15.01
CA VAL A 41 9.98 21.82 -15.27
C VAL A 41 11.47 21.76 -14.91
N THR A 42 11.87 20.61 -14.40
CA THR A 42 13.26 20.35 -14.05
C THR A 42 13.58 19.02 -14.74
N ALA A 43 14.66 18.98 -15.52
CA ALA A 43 15.03 17.73 -16.17
C ALA A 43 15.53 16.84 -15.04
N GLU A 44 14.97 15.64 -14.90
CA GLU A 44 15.39 14.74 -13.83
C GLU A 44 16.86 14.34 -13.89
N ASN A 45 17.44 14.26 -15.07
CA ASN A 45 18.83 13.84 -15.20
C ASN A 45 19.53 14.45 -16.42
N GLU A 46 18.75 14.80 -17.42
CA GLU A 46 19.27 15.31 -18.68
C GLU A 46 20.17 16.56 -18.66
N MET A 47 20.16 17.32 -17.57
CA MET A 47 20.99 18.52 -17.52
C MET A 47 22.11 18.43 -16.49
N LYS A 48 22.36 17.22 -16.00
CA LYS A 48 23.43 17.03 -15.03
C LYS A 48 24.77 16.99 -15.75
N ILE A 49 25.86 17.08 -14.99
CA ILE A 49 27.20 17.10 -15.55
C ILE A 49 27.54 15.99 -16.54
N ASP A 50 27.39 14.75 -16.12
CA ASP A 50 27.71 13.61 -16.98
C ASP A 50 26.88 13.53 -18.26
N ALA A 51 25.64 14.03 -18.20
CA ALA A 51 24.77 13.98 -19.36
C ALA A 51 25.02 15.10 -20.36
N THR A 52 25.57 16.21 -19.89
CA THR A 52 25.81 17.35 -20.78
C THR A 52 27.26 17.48 -21.24
N GLU A 53 28.17 16.78 -20.58
CA GLU A 53 29.58 16.82 -20.96
C GLU A 53 30.19 15.45 -20.71
N PRO A 54 29.89 14.49 -21.60
CA PRO A 54 30.37 13.10 -21.54
C PRO A 54 31.89 13.02 -21.69
N GLN A 55 32.47 14.10 -22.20
CA GLN A 55 33.91 14.18 -22.41
C GLN A 55 34.26 15.66 -22.30
N ARG A 56 35.33 15.97 -21.57
CA ARG A 56 35.74 17.35 -21.37
C ARG A 56 35.87 18.13 -22.67
N GLY A 57 35.15 19.25 -22.76
CA GLY A 57 35.19 20.07 -23.94
C GLY A 57 34.08 19.78 -24.94
N GLN A 58 33.57 18.55 -24.93
CA GLN A 58 32.51 18.17 -25.85
C GLN A 58 31.15 18.08 -25.16
N PHE A 59 30.27 19.03 -25.49
CA PHE A 59 28.95 19.09 -24.89
C PHE A 59 27.87 18.42 -25.72
N ASN A 60 26.98 17.71 -25.03
CA ASN A 60 25.86 17.01 -25.67
C ASN A 60 24.57 17.47 -25.01
N PHE A 61 23.89 18.41 -25.65
CA PHE A 61 22.64 18.97 -25.12
C PHE A 61 21.38 18.36 -25.69
N SER A 62 21.51 17.26 -26.42
CA SER A 62 20.38 16.61 -27.04
C SER A 62 19.24 16.28 -26.07
N ALA A 63 19.52 15.45 -25.08
CA ALA A 63 18.51 15.06 -24.11
C ALA A 63 17.99 16.26 -23.33
N GLY A 64 18.90 17.18 -23.00
CA GLY A 64 18.54 18.37 -22.25
C GLY A 64 17.57 19.28 -23.00
N ASP A 65 17.85 19.57 -24.26
CA ASP A 65 16.98 20.44 -25.04
C ASP A 65 15.63 19.77 -25.29
N ARG A 66 15.64 18.44 -25.31
CA ARG A 66 14.41 17.68 -25.51
C ARG A 66 13.42 18.07 -24.41
N VAL A 67 13.90 18.05 -23.17
CA VAL A 67 13.09 18.40 -22.01
C VAL A 67 12.76 19.89 -22.01
N TYR A 68 13.79 20.72 -22.21
CA TYR A 68 13.61 22.16 -22.23
C TYR A 68 12.57 22.58 -23.27
N ASN A 69 12.65 22.01 -24.47
CA ASN A 69 11.72 22.35 -25.55
C ASN A 69 10.30 21.91 -25.21
N TRP A 70 10.15 20.70 -24.70
CA TRP A 70 8.83 20.21 -24.33
C TRP A 70 8.24 21.18 -23.31
N ALA A 71 9.04 21.57 -22.34
CA ALA A 71 8.59 22.50 -21.31
C ALA A 71 8.07 23.81 -21.90
N VAL A 72 8.92 24.51 -22.63
CA VAL A 72 8.56 25.80 -23.22
C VAL A 72 7.35 25.70 -24.16
N GLN A 73 7.34 24.71 -25.03
CA GLN A 73 6.22 24.54 -25.96
C GLN A 73 4.92 24.24 -25.21
N ASN A 74 5.03 23.83 -23.96
CA ASN A 74 3.84 23.51 -23.17
C ASN A 74 3.58 24.52 -22.08
N GLY A 75 4.19 25.70 -22.20
CA GLY A 75 3.97 26.75 -21.23
C GLY A 75 4.58 26.61 -19.85
N LYS A 76 5.76 26.01 -19.76
CA LYS A 76 6.43 25.85 -18.48
C LYS A 76 7.81 26.49 -18.46
N GLN A 77 8.18 27.09 -17.34
CA GLN A 77 9.50 27.67 -17.19
C GLN A 77 10.38 26.47 -16.85
N VAL A 78 11.68 26.68 -16.80
CA VAL A 78 12.61 25.59 -16.52
C VAL A 78 13.63 25.89 -15.42
N ARG A 79 13.92 24.88 -14.60
CA ARG A 79 14.94 25.02 -13.55
C ARG A 79 16.11 24.17 -14.06
N GLY A 80 17.29 24.77 -14.19
CA GLY A 80 18.44 24.03 -14.64
C GLY A 80 19.02 23.23 -13.48
N HIS A 81 19.20 21.92 -13.67
CA HIS A 81 19.71 21.05 -12.62
C HIS A 81 20.69 20.04 -13.20
N THR A 82 21.98 20.10 -12.84
CA THR A 82 22.59 21.06 -11.92
C THR A 82 24.04 21.25 -12.42
N LEU A 83 24.64 22.42 -12.17
CA LEU A 83 25.99 22.73 -12.67
C LEU A 83 27.26 22.17 -12.00
N ALA A 84 27.31 22.18 -10.68
CA ALA A 84 28.48 21.67 -9.96
C ALA A 84 28.00 20.77 -8.84
N TRP A 85 28.41 19.50 -8.88
CA TRP A 85 27.95 18.53 -7.89
C TRP A 85 28.92 17.36 -7.83
N HIS A 86 29.02 16.72 -6.66
CA HIS A 86 29.93 15.60 -6.50
C HIS A 86 29.38 14.32 -7.09
N SER A 87 28.07 14.28 -7.34
CA SER A 87 27.45 13.09 -7.91
C SER A 87 27.16 13.20 -9.40
N GLN A 88 27.00 12.04 -10.02
CA GLN A 88 26.73 11.94 -11.43
C GLN A 88 27.67 12.76 -12.31
N GLN A 89 28.95 12.77 -11.94
CA GLN A 89 29.96 13.46 -12.74
C GLN A 89 30.42 12.41 -13.74
N PRO A 90 30.80 12.83 -14.95
CA PRO A 90 31.26 11.83 -15.91
C PRO A 90 32.56 11.19 -15.41
N GLY A 91 32.95 10.06 -16.02
CA GLY A 91 34.16 9.39 -15.60
C GLY A 91 35.41 10.27 -15.59
N TRP A 92 35.60 11.07 -16.63
CA TRP A 92 36.78 11.92 -16.71
C TRP A 92 36.87 12.98 -15.62
N MET A 93 35.73 13.40 -15.09
CA MET A 93 35.73 14.42 -14.05
C MET A 93 35.97 13.79 -12.68
N GLN A 94 35.41 12.61 -12.47
CA GLN A 94 35.56 11.93 -11.19
C GLN A 94 37.01 11.65 -10.83
N SER A 95 37.91 11.86 -11.78
CA SER A 95 39.33 11.62 -11.55
C SER A 95 40.13 12.92 -11.46
N LEU A 96 39.56 14.02 -11.95
CA LEU A 96 40.27 15.29 -11.89
C LEU A 96 40.43 15.73 -10.45
N SER A 97 41.34 16.69 -10.23
CA SER A 97 41.61 17.21 -8.90
C SER A 97 42.28 18.58 -8.96
N GLY A 98 42.35 19.24 -7.81
CA GLY A 98 42.98 20.54 -7.73
C GLY A 98 42.61 21.52 -8.84
N SER A 99 43.62 22.25 -9.31
CA SER A 99 43.46 23.25 -10.35
C SER A 99 42.70 22.79 -11.60
N THR A 100 43.17 21.72 -12.23
CA THR A 100 42.54 21.22 -13.44
C THR A 100 41.04 20.98 -13.24
N LEU A 101 40.65 20.50 -12.08
CA LEU A 101 39.24 20.25 -11.78
C LEU A 101 38.51 21.58 -11.64
N ARG A 102 39.13 22.51 -10.91
CA ARG A 102 38.54 23.83 -10.70
C ARG A 102 38.26 24.47 -12.04
N GLN A 103 39.17 24.29 -12.98
CA GLN A 103 39.04 24.85 -14.32
C GLN A 103 37.98 24.09 -15.10
N ALA A 104 37.85 22.80 -14.79
CA ALA A 104 36.87 21.95 -15.44
C ALA A 104 35.46 22.35 -15.00
N MET A 105 35.33 22.70 -13.72
CA MET A 105 34.05 23.13 -13.15
C MET A 105 33.62 24.42 -13.82
N ILE A 106 34.57 25.34 -13.97
CA ILE A 106 34.30 26.63 -14.58
C ILE A 106 33.88 26.47 -16.03
N ASP A 107 34.66 25.72 -16.80
CA ASP A 107 34.35 25.51 -18.21
C ASP A 107 32.97 24.88 -18.38
N HIS A 108 32.67 23.89 -17.54
CA HIS A 108 31.37 23.22 -17.62
C HIS A 108 30.24 24.22 -17.38
N ILE A 109 30.36 25.00 -16.31
CA ILE A 109 29.35 26.00 -15.99
C ILE A 109 29.16 26.94 -17.17
N ASN A 110 30.26 27.33 -17.79
CA ASN A 110 30.23 28.23 -18.94
C ASN A 110 29.58 27.61 -20.16
N GLY A 111 29.90 26.35 -20.42
CA GLY A 111 29.34 25.67 -21.57
C GLY A 111 27.83 25.46 -21.51
N VAL A 112 27.35 24.93 -20.39
CA VAL A 112 25.93 24.68 -20.23
C VAL A 112 25.11 25.95 -20.17
N MET A 113 25.46 26.85 -19.25
CA MET A 113 24.73 28.11 -19.14
C MET A 113 24.84 28.91 -20.42
N GLY A 114 25.95 28.74 -21.13
CA GLY A 114 26.11 29.44 -22.39
C GLY A 114 25.03 28.95 -23.34
N HIS A 115 24.94 27.64 -23.48
CA HIS A 115 23.95 27.01 -24.35
C HIS A 115 22.52 27.41 -23.99
N TYR A 116 22.22 27.45 -22.69
CA TYR A 116 20.89 27.80 -22.22
C TYR A 116 20.75 29.25 -21.75
N LYS A 117 21.74 30.08 -22.07
CA LYS A 117 21.76 31.49 -21.68
C LYS A 117 20.45 32.22 -21.95
N GLY A 118 19.83 32.74 -20.90
CA GLY A 118 18.58 33.47 -21.03
C GLY A 118 17.34 32.63 -21.15
N LYS A 119 17.49 31.31 -21.11
CA LYS A 119 16.35 30.41 -21.24
C LYS A 119 15.97 29.73 -19.92
N ILE A 120 16.83 29.86 -18.92
CA ILE A 120 16.61 29.21 -17.62
C ILE A 120 16.19 30.15 -16.49
N ALA A 121 15.06 29.83 -15.85
CA ALA A 121 14.54 30.63 -14.75
C ALA A 121 15.43 30.55 -13.52
N GLN A 122 15.78 29.33 -13.14
CA GLN A 122 16.63 29.10 -11.98
C GLN A 122 17.64 28.02 -12.29
N TRP A 123 18.87 28.19 -11.83
CA TRP A 123 19.92 27.19 -12.04
C TRP A 123 20.41 26.72 -10.67
N ASP A 124 20.44 25.41 -10.46
CA ASP A 124 21.00 24.88 -9.22
C ASP A 124 22.47 24.85 -9.62
N VAL A 125 23.20 25.91 -9.27
CA VAL A 125 24.62 25.98 -9.61
C VAL A 125 25.41 24.95 -8.82
N VAL A 126 25.23 24.96 -7.50
CA VAL A 126 25.91 24.01 -6.64
C VAL A 126 24.89 23.14 -5.93
N ASN A 127 25.15 21.83 -5.90
CA ASN A 127 24.24 20.89 -5.28
C ASN A 127 24.88 20.01 -4.20
N GLU A 128 24.21 19.92 -3.04
CA GLU A 128 24.65 19.11 -1.91
C GLU A 128 26.13 19.20 -1.54
N ALA A 129 26.55 20.37 -1.08
CA ALA A 129 27.95 20.59 -0.69
C ALA A 129 28.24 20.39 0.80
N PHE A 130 27.22 20.08 1.59
CA PHE A 130 27.41 19.87 3.02
C PHE A 130 27.15 18.42 3.41
N SER A 131 27.91 17.93 4.39
CA SER A 131 27.78 16.54 4.82
C SER A 131 26.66 16.30 5.81
N ASP A 132 26.30 15.04 5.98
CA ASP A 132 25.25 14.63 6.91
C ASP A 132 25.82 14.10 8.22
N ASP A 133 27.12 14.25 8.45
CA ASP A 133 27.72 13.74 9.68
C ASP A 133 27.25 14.43 10.94
N GLY A 134 26.80 15.68 10.82
CA GLY A 134 26.32 16.40 11.98
C GLY A 134 27.25 17.51 12.44
N SER A 135 28.34 17.70 11.70
CA SER A 135 29.33 18.73 12.01
C SER A 135 28.90 20.08 11.45
N GLY A 136 28.05 20.05 10.43
CA GLY A 136 27.58 21.26 9.81
C GLY A 136 28.60 21.79 8.80
N GLY A 137 29.60 20.96 8.50
CA GLY A 137 30.63 21.36 7.56
C GLY A 137 30.46 20.82 6.16
N ARG A 138 31.35 21.26 5.27
CA ARG A 138 31.34 20.85 3.87
C ARG A 138 31.53 19.35 3.71
N ARG A 139 31.05 18.81 2.59
CA ARG A 139 31.21 17.40 2.30
C ARG A 139 32.56 17.22 1.62
N ASP A 140 33.27 16.17 1.98
CA ASP A 140 34.59 15.93 1.39
C ASP A 140 34.44 15.33 0.00
N SER A 141 34.69 16.15 -1.01
CA SER A 141 34.57 15.71 -2.39
C SER A 141 35.75 16.25 -3.19
N ASN A 142 35.98 15.66 -4.36
CA ASN A 142 37.06 16.11 -5.22
C ASN A 142 36.90 17.62 -5.47
N LEU A 143 35.65 18.07 -5.48
CA LEU A 143 35.34 19.48 -5.69
C LEU A 143 35.73 20.35 -4.49
N GLN A 144 35.52 19.83 -3.29
CA GLN A 144 35.85 20.57 -2.07
C GLN A 144 37.36 20.64 -1.87
N ARG A 145 38.06 19.57 -2.25
CA ARG A 145 39.52 19.52 -2.11
C ARG A 145 40.23 20.49 -3.04
N THR A 146 39.47 21.14 -3.92
CA THR A 146 40.05 22.10 -4.85
C THR A 146 40.10 23.47 -4.20
N GLY A 147 39.53 23.58 -3.00
CA GLY A 147 39.50 24.84 -2.31
C GLY A 147 38.11 25.19 -1.81
N ASN A 148 38.00 25.48 -0.52
CA ASN A 148 36.74 25.81 0.12
C ASN A 148 35.97 26.87 -0.67
N ASP A 149 36.70 27.65 -1.46
CA ASP A 149 36.11 28.72 -2.26
C ASP A 149 35.47 28.25 -3.57
N TRP A 150 35.44 26.94 -3.80
CA TRP A 150 34.87 26.47 -5.05
C TRP A 150 33.42 26.91 -5.24
N ILE A 151 32.64 26.84 -4.16
CA ILE A 151 31.24 27.25 -4.24
C ILE A 151 31.13 28.70 -4.66
N GLU A 152 31.98 29.56 -4.10
CA GLU A 152 31.94 30.98 -4.43
C GLU A 152 32.28 31.18 -5.91
N VAL A 153 33.30 30.47 -6.38
CA VAL A 153 33.73 30.58 -7.77
C VAL A 153 32.61 30.16 -8.72
N ALA A 154 31.97 29.03 -8.42
CA ALA A 154 30.88 28.54 -9.24
C ALA A 154 29.80 29.60 -9.43
N PHE A 155 29.43 30.28 -8.35
CA PHE A 155 28.41 31.31 -8.42
C PHE A 155 28.86 32.55 -9.18
N ARG A 156 30.12 32.95 -8.97
CA ARG A 156 30.63 34.10 -9.69
C ARG A 156 30.70 33.77 -11.17
N THR A 157 31.12 32.53 -11.46
CA THR A 157 31.22 32.08 -12.84
C THR A 157 29.83 32.08 -13.48
N ALA A 158 28.86 31.54 -12.74
CA ALA A 158 27.48 31.47 -13.22
C ALA A 158 26.90 32.84 -13.53
N ARG A 159 27.00 33.76 -12.58
CA ARG A 159 26.47 35.09 -12.79
C ARG A 159 27.02 35.64 -14.10
N ALA A 160 28.30 35.37 -14.35
CA ALA A 160 28.96 35.83 -15.55
C ALA A 160 28.31 35.19 -16.79
N ALA A 161 28.24 33.86 -16.77
CA ALA A 161 27.64 33.09 -17.87
C ALA A 161 26.25 33.57 -18.26
N ASP A 162 25.37 33.74 -17.28
CA ASP A 162 24.01 34.19 -17.55
C ASP A 162 23.43 34.98 -16.38
N PRO A 163 23.49 36.32 -16.44
CA PRO A 163 22.98 37.20 -15.39
C PRO A 163 21.46 37.23 -15.24
N ALA A 164 20.75 36.74 -16.26
CA ALA A 164 19.29 36.75 -16.23
C ALA A 164 18.72 35.58 -15.44
N ALA A 165 19.59 34.63 -15.11
CA ALA A 165 19.19 33.44 -14.37
C ALA A 165 19.36 33.57 -12.87
N LYS A 166 18.39 33.10 -12.12
CA LYS A 166 18.49 33.14 -10.66
C LYS A 166 19.39 31.97 -10.29
N LEU A 167 20.44 32.26 -9.54
CA LEU A 167 21.39 31.24 -9.13
C LEU A 167 21.04 30.68 -7.76
N CYS A 168 20.85 29.36 -7.70
CA CYS A 168 20.50 28.70 -6.45
C CYS A 168 21.52 27.72 -5.92
N TYR A 169 21.55 27.58 -4.60
CA TYR A 169 22.38 26.60 -3.94
C TYR A 169 21.32 25.57 -3.54
N ASN A 170 21.47 24.32 -3.99
CA ASN A 170 20.47 23.29 -3.72
C ASN A 170 21.02 22.17 -2.83
N ASP A 171 20.22 21.73 -1.86
CA ASP A 171 20.64 20.64 -0.97
C ASP A 171 19.46 19.96 -0.29
N TYR A 172 19.72 18.84 0.39
CA TYR A 172 18.69 18.11 1.12
C TYR A 172 19.06 18.08 2.60
N ASN A 173 18.10 17.71 3.44
CA ASN A 173 18.28 17.67 4.88
C ASN A 173 18.65 19.05 5.45
N ILE A 174 18.23 20.10 4.76
CA ILE A 174 18.47 21.46 5.23
C ILE A 174 17.10 22.12 5.47
N GLU A 175 16.09 21.29 5.71
CA GLU A 175 14.74 21.78 5.95
C GLU A 175 14.44 22.02 7.44
N ASN A 176 15.02 21.19 8.30
CA ASN A 176 14.80 21.32 9.74
C ASN A 176 15.78 22.34 10.30
N TRP A 177 15.25 23.44 10.80
CA TRP A 177 16.09 24.52 11.34
C TRP A 177 17.06 24.11 12.44
N THR A 178 16.73 23.09 13.21
CA THR A 178 17.61 22.67 14.29
C THR A 178 18.80 21.82 13.86
N TRP A 179 18.86 21.45 12.59
CA TRP A 179 19.97 20.63 12.10
C TRP A 179 21.21 21.46 11.79
N ALA A 180 22.36 20.91 12.12
CA ALA A 180 23.65 21.57 11.90
C ALA A 180 23.90 21.83 10.42
N LYS A 181 23.45 20.90 9.57
CA LYS A 181 23.64 21.06 8.15
C LYS A 181 22.90 22.33 7.71
N THR A 182 21.66 22.47 8.17
CA THR A 182 20.84 23.63 7.84
C THR A 182 21.57 24.92 8.21
N GLN A 183 22.17 24.94 9.41
CA GLN A 183 22.89 26.11 9.89
C GLN A 183 24.15 26.32 9.06
N GLY A 184 24.79 25.22 8.69
CA GLY A 184 26.00 25.32 7.89
C GLY A 184 25.70 26.05 6.60
N VAL A 185 24.57 25.73 5.98
CA VAL A 185 24.18 26.36 4.72
C VAL A 185 23.71 27.78 4.98
N TYR A 186 23.05 27.99 6.11
CA TYR A 186 22.55 29.30 6.47
C TYR A 186 23.71 30.30 6.64
N ASN A 187 24.75 29.89 7.34
CA ASN A 187 25.90 30.75 7.56
C ASN A 187 26.64 31.05 6.27
N MET A 188 26.75 30.06 5.40
CA MET A 188 27.44 30.27 4.13
C MET A 188 26.71 31.33 3.32
N VAL A 189 25.39 31.16 3.17
CA VAL A 189 24.60 32.12 2.41
C VAL A 189 24.63 33.50 3.06
N ARG A 190 24.59 33.54 4.38
CA ARG A 190 24.64 34.82 5.08
C ARG A 190 25.97 35.49 4.72
N ASP A 191 27.04 34.72 4.82
CA ASP A 191 28.37 35.22 4.50
C ASP A 191 28.40 35.72 3.06
N PHE A 192 27.95 34.87 2.14
CA PHE A 192 27.91 35.20 0.72
C PHE A 192 27.23 36.55 0.47
N LYS A 193 26.04 36.70 1.02
CA LYS A 193 25.28 37.94 0.84
C LYS A 193 26.00 39.17 1.40
N GLN A 194 26.74 38.98 2.49
CA GLN A 194 27.48 40.09 3.09
C GLN A 194 28.68 40.49 2.23
N ARG A 195 29.48 39.49 1.85
CA ARG A 195 30.67 39.75 1.03
C ARG A 195 30.31 40.01 -0.43
N GLY A 196 29.02 39.91 -0.75
CA GLY A 196 28.59 40.16 -2.11
C GLY A 196 28.62 38.99 -3.09
N VAL A 197 28.91 37.79 -2.61
CA VAL A 197 28.95 36.63 -3.51
C VAL A 197 27.58 36.51 -4.19
N PRO A 198 27.57 36.52 -5.53
CA PRO A 198 26.32 36.43 -6.29
C PRO A 198 25.55 35.12 -6.15
N ILE A 199 24.51 35.15 -5.32
CA ILE A 199 23.65 34.01 -5.11
C ILE A 199 22.27 34.59 -4.88
N ASP A 200 21.30 34.13 -5.66
CA ASP A 200 19.95 34.65 -5.58
C ASP A 200 18.97 33.74 -4.89
N CYS A 201 19.27 32.44 -4.84
CA CYS A 201 18.32 31.51 -4.26
C CYS A 201 18.86 30.28 -3.55
N VAL A 202 18.06 29.76 -2.63
CA VAL A 202 18.44 28.56 -1.92
C VAL A 202 17.33 27.55 -2.19
N GLY A 203 17.74 26.38 -2.68
CA GLY A 203 16.77 25.35 -2.98
C GLY A 203 16.73 24.29 -1.91
N PHE A 204 15.52 23.99 -1.46
CA PHE A 204 15.30 22.99 -0.44
C PHE A 204 14.68 21.78 -1.13
N GLN A 205 15.49 20.74 -1.31
CA GLN A 205 15.01 19.53 -2.00
C GLN A 205 13.72 18.99 -1.39
N SER A 206 13.63 19.05 -0.07
CA SER A 206 12.43 18.59 0.65
C SER A 206 12.07 17.13 0.43
N HIS A 207 13.02 16.23 0.62
CA HIS A 207 12.74 14.81 0.50
C HIS A 207 12.43 14.38 1.91
N PHE A 208 11.14 14.34 2.26
CA PHE A 208 10.75 13.95 3.61
C PHE A 208 10.39 12.48 3.72
N ASN A 209 10.86 11.85 4.79
CA ASN A 209 10.60 10.44 5.08
C ASN A 209 10.87 10.17 6.56
N SER A 210 10.57 8.97 7.02
CA SER A 210 10.77 8.63 8.44
C SER A 210 12.18 8.93 8.94
N GLY A 211 13.16 8.85 8.04
CA GLY A 211 14.54 9.12 8.44
C GLY A 211 14.82 10.59 8.63
N SER A 212 14.18 11.42 7.81
CA SER A 212 14.34 12.87 7.88
C SER A 212 12.95 13.44 7.64
N PRO A 213 12.10 13.38 8.68
CA PRO A 213 10.71 13.86 8.72
C PRO A 213 10.49 15.33 8.52
N TYR A 214 9.33 15.68 7.98
CA TYR A 214 8.97 17.07 7.81
C TYR A 214 8.76 17.60 9.21
N ASN A 215 9.14 18.85 9.45
CA ASN A 215 8.93 19.46 10.74
C ASN A 215 8.39 20.85 10.48
N SER A 216 7.40 21.27 11.27
CA SER A 216 6.81 22.58 11.06
C SER A 216 7.82 23.74 11.06
N ASN A 217 8.96 23.57 11.72
CA ASN A 217 9.95 24.65 11.73
C ASN A 217 10.52 24.90 10.34
N PHE A 218 10.11 24.09 9.37
CA PHE A 218 10.56 24.26 7.99
C PHE A 218 10.20 25.66 7.51
N ARG A 219 9.06 26.17 7.97
CA ARG A 219 8.63 27.51 7.58
C ARG A 219 9.59 28.55 8.16
N THR A 220 10.10 28.25 9.35
CA THR A 220 11.05 29.14 10.02
C THR A 220 12.33 29.21 9.18
N THR A 221 12.77 28.04 8.71
CA THR A 221 13.96 27.94 7.89
C THR A 221 13.80 28.79 6.63
N LEU A 222 12.66 28.63 5.95
CA LEU A 222 12.39 29.39 4.74
C LEU A 222 12.37 30.89 5.00
N GLN A 223 11.76 31.27 6.12
CA GLN A 223 11.65 32.67 6.50
C GLN A 223 13.00 33.25 6.89
N ASN A 224 13.84 32.44 7.53
CA ASN A 224 15.16 32.91 7.93
C ASN A 224 16.04 33.14 6.71
N PHE A 225 15.96 32.23 5.73
CA PHE A 225 16.75 32.41 4.53
C PHE A 225 16.21 33.60 3.73
N ALA A 226 14.89 33.71 3.65
CA ALA A 226 14.28 34.82 2.92
C ALA A 226 14.74 36.15 3.51
N ALA A 227 14.93 36.17 4.82
CA ALA A 227 15.37 37.38 5.50
C ALA A 227 16.77 37.79 5.08
N LEU A 228 17.57 36.81 4.67
CA LEU A 228 18.94 37.07 4.23
C LEU A 228 18.94 37.81 2.91
N GLY A 229 17.78 37.90 2.26
CA GLY A 229 17.72 38.58 0.99
C GLY A 229 17.80 37.66 -0.22
N VAL A 230 17.51 36.38 -0.01
CA VAL A 230 17.53 35.43 -1.11
C VAL A 230 16.16 34.77 -1.25
N ASP A 231 15.82 34.39 -2.48
CA ASP A 231 14.56 33.70 -2.73
C ASP A 231 14.74 32.26 -2.28
N VAL A 232 13.63 31.58 -2.04
CA VAL A 232 13.68 30.18 -1.64
C VAL A 232 12.74 29.38 -2.53
N ALA A 233 13.08 28.12 -2.75
CA ALA A 233 12.27 27.26 -3.59
C ALA A 233 12.27 25.82 -3.10
N ILE A 234 11.10 25.17 -3.15
CA ILE A 234 10.97 23.77 -2.78
C ILE A 234 11.28 23.10 -4.11
N THR A 235 12.45 22.49 -4.18
CA THR A 235 12.93 21.91 -5.43
C THR A 235 12.67 20.46 -5.83
N GLU A 236 12.66 19.54 -4.87
CA GLU A 236 12.47 18.13 -5.21
C GLU A 236 11.53 17.42 -4.25
N LEU A 237 10.43 18.07 -3.92
CA LEU A 237 9.47 17.53 -2.98
C LEU A 237 8.81 16.18 -3.25
N ASP A 238 8.91 15.31 -2.25
CA ASP A 238 8.24 14.02 -2.24
C ASP A 238 8.17 13.60 -0.77
N ILE A 239 6.99 13.13 -0.37
CA ILE A 239 6.76 12.73 1.00
C ILE A 239 6.41 11.25 1.08
N GLN A 240 7.20 10.50 1.84
CA GLN A 240 7.00 9.07 2.00
C GLN A 240 5.58 8.83 2.51
N GLY A 241 4.81 8.05 1.77
CA GLY A 241 3.44 7.78 2.17
C GLY A 241 2.49 8.89 1.73
N ALA A 242 3.07 9.97 1.19
CA ALA A 242 2.32 11.13 0.71
C ALA A 242 1.14 11.56 1.58
N SER A 243 1.41 11.82 2.85
CA SER A 243 0.38 12.27 3.78
C SER A 243 -0.23 13.58 3.28
N SER A 244 -1.56 13.66 3.32
CA SER A 244 -2.29 14.85 2.90
C SER A 244 -1.91 16.06 3.74
N SER A 245 -1.84 15.86 5.05
CA SER A 245 -1.49 16.94 5.97
C SER A 245 -0.11 17.51 5.69
N THR A 246 0.87 16.63 5.55
CA THR A 246 2.22 17.06 5.28
C THR A 246 2.33 17.77 3.95
N TYR A 247 1.68 17.24 2.91
CA TYR A 247 1.72 17.88 1.60
C TYR A 247 1.10 19.28 1.72
N ALA A 248 -0.03 19.37 2.43
CA ALA A 248 -0.72 20.63 2.61
C ALA A 248 0.12 21.60 3.44
N ALA A 249 0.83 21.05 4.42
CA ALA A 249 1.67 21.86 5.29
C ALA A 249 2.82 22.48 4.50
N VAL A 250 3.54 21.67 3.73
CA VAL A 250 4.64 22.19 2.94
C VAL A 250 4.15 23.27 1.97
N THR A 251 2.98 23.05 1.38
CA THR A 251 2.39 24.01 0.45
C THR A 251 2.09 25.33 1.15
N ASN A 252 1.59 25.25 2.38
CA ASN A 252 1.25 26.46 3.12
C ASN A 252 2.51 27.18 3.60
N ASP A 253 3.57 26.41 3.85
CA ASP A 253 4.82 27.01 4.28
C ASP A 253 5.33 27.93 3.17
N CYS A 254 5.17 27.49 1.92
CA CYS A 254 5.62 28.29 0.78
C CYS A 254 4.71 29.51 0.59
N LEU A 255 3.41 29.30 0.72
CA LEU A 255 2.44 30.38 0.56
C LEU A 255 2.61 31.45 1.66
N ALA A 256 3.16 31.05 2.80
CA ALA A 256 3.36 31.95 3.93
C ALA A 256 4.64 32.75 3.79
N VAL A 257 5.50 32.36 2.86
CA VAL A 257 6.76 33.05 2.65
C VAL A 257 6.74 33.78 1.30
N SER A 258 6.69 35.11 1.39
CA SER A 258 6.63 35.99 0.22
C SER A 258 7.74 35.73 -0.80
N ARG A 259 8.86 35.20 -0.34
CA ARG A 259 10.00 34.93 -1.21
C ARG A 259 10.03 33.49 -1.75
N CYS A 260 9.07 32.66 -1.36
CA CYS A 260 9.04 31.29 -1.85
C CYS A 260 8.44 31.34 -3.26
N LEU A 261 9.32 31.19 -4.25
CA LEU A 261 8.95 31.25 -5.66
C LEU A 261 7.94 30.19 -6.10
N GLY A 262 8.09 28.98 -5.60
CA GLY A 262 7.17 27.92 -5.98
C GLY A 262 7.56 26.56 -5.46
N ILE A 263 6.80 25.54 -5.83
CA ILE A 263 7.04 24.18 -5.37
C ILE A 263 7.17 23.21 -6.53
N THR A 264 8.19 22.36 -6.44
CA THR A 264 8.44 21.33 -7.44
C THR A 264 8.42 19.97 -6.74
N VAL A 265 7.63 19.03 -7.26
CA VAL A 265 7.63 17.67 -6.70
C VAL A 265 8.52 16.86 -7.63
N TRP A 266 9.28 15.93 -7.06
CA TRP A 266 10.23 15.16 -7.85
C TRP A 266 9.63 13.99 -8.64
N GLY A 267 8.77 14.31 -9.61
CA GLY A 267 8.16 13.26 -10.41
C GLY A 267 6.67 13.47 -10.64
N VAL A 268 6.12 12.76 -11.62
CA VAL A 268 4.71 12.86 -11.95
C VAL A 268 3.86 11.83 -11.19
N ARG A 269 4.03 10.56 -11.54
CA ARG A 269 3.29 9.47 -10.90
C ARG A 269 4.18 8.70 -9.93
N ASP A 270 3.56 8.03 -8.96
CA ASP A 270 4.34 7.25 -7.99
C ASP A 270 5.23 6.24 -8.73
N THR A 271 4.75 5.71 -9.85
CA THR A 271 5.54 4.75 -10.61
C THR A 271 6.75 5.37 -11.30
N ASP A 272 6.77 6.69 -11.44
CA ASP A 272 7.90 7.37 -12.08
C ASP A 272 8.93 7.81 -11.05
N SER A 273 8.53 7.83 -9.78
CA SER A 273 9.39 8.25 -8.68
C SER A 273 10.68 7.46 -8.57
N TRP A 274 11.75 8.14 -8.16
CA TRP A 274 13.04 7.48 -7.97
C TRP A 274 12.92 6.64 -6.70
N ARG A 275 11.85 6.87 -5.94
CA ARG A 275 11.57 6.15 -4.71
C ARG A 275 10.11 5.69 -4.69
N SER A 276 9.71 4.97 -5.75
CA SER A 276 8.36 4.47 -5.88
C SER A 276 7.88 3.70 -4.66
N GLY A 277 8.80 2.96 -4.02
CA GLY A 277 8.45 2.19 -2.83
C GLY A 277 7.83 3.04 -1.74
N ASP A 278 8.15 4.33 -1.74
CA ASP A 278 7.59 5.24 -0.75
C ASP A 278 6.34 5.95 -1.24
N THR A 279 5.87 5.61 -2.46
CA THR A 279 4.67 6.23 -3.06
C THR A 279 4.58 7.65 -2.53
N PRO A 280 5.61 8.47 -2.82
CA PRO A 280 5.64 9.85 -2.33
C PRO A 280 5.15 10.98 -3.22
N LEU A 281 4.46 10.67 -4.30
CA LEU A 281 3.99 11.73 -5.19
C LEU A 281 2.48 11.99 -5.12
N LEU A 282 1.97 12.81 -6.03
CA LEU A 282 0.57 13.17 -6.02
C LEU A 282 -0.34 12.37 -6.93
N PHE A 283 0.25 11.55 -7.81
CA PHE A 283 -0.55 10.72 -8.72
C PHE A 283 -0.18 9.25 -8.62
N ASN A 284 -1.19 8.40 -8.67
CA ASN A 284 -1.01 6.96 -8.62
C ASN A 284 -0.50 6.49 -9.98
N GLY A 285 -0.02 5.26 -10.04
CA GLY A 285 0.48 4.72 -11.29
C GLY A 285 -0.58 4.66 -12.39
N ASP A 286 -1.84 4.48 -12.01
CA ASP A 286 -2.90 4.42 -13.00
C ASP A 286 -3.29 5.82 -13.44
N GLY A 287 -2.59 6.81 -12.88
CA GLY A 287 -2.84 8.20 -13.22
C GLY A 287 -3.88 8.93 -12.40
N SER A 288 -4.52 8.23 -11.47
CA SER A 288 -5.55 8.84 -10.63
C SER A 288 -4.93 9.77 -9.62
N LYS A 289 -5.67 10.82 -9.27
CA LYS A 289 -5.20 11.80 -8.29
C LYS A 289 -5.30 11.20 -6.90
N LYS A 290 -4.26 11.40 -6.12
CA LYS A 290 -4.22 10.88 -4.76
C LYS A 290 -4.84 11.90 -3.81
N ALA A 291 -5.16 11.46 -2.61
CA ALA A 291 -5.76 12.32 -1.60
C ALA A 291 -4.91 13.57 -1.40
N ALA A 292 -3.60 13.40 -1.43
CA ALA A 292 -2.69 14.53 -1.24
C ALA A 292 -2.83 15.55 -2.37
N TYR A 293 -3.12 15.07 -3.57
CA TYR A 293 -3.29 15.99 -4.69
C TYR A 293 -4.32 17.05 -4.36
N THR A 294 -5.46 16.60 -3.84
CA THR A 294 -6.53 17.52 -3.51
C THR A 294 -6.17 18.42 -2.33
N ALA A 295 -5.41 17.90 -1.38
CA ALA A 295 -5.01 18.70 -0.23
C ALA A 295 -4.11 19.85 -0.70
N VAL A 296 -3.26 19.59 -1.68
CA VAL A 296 -2.36 20.61 -2.21
C VAL A 296 -3.14 21.64 -3.04
N LEU A 297 -4.06 21.15 -3.85
CA LEU A 297 -4.88 22.02 -4.68
C LEU A 297 -5.72 22.93 -3.80
N ASN A 298 -6.30 22.38 -2.74
CA ASN A 298 -7.12 23.19 -1.83
C ASN A 298 -6.26 24.21 -1.13
N ALA A 299 -5.05 23.80 -0.75
CA ALA A 299 -4.13 24.71 -0.06
C ALA A 299 -3.75 25.86 -0.99
N LEU A 300 -3.40 25.54 -2.24
CA LEU A 300 -3.01 26.55 -3.21
C LEU A 300 -4.14 27.53 -3.53
N ASN A 301 -5.37 27.05 -3.49
CA ASN A 301 -6.52 27.91 -3.77
C ASN A 301 -6.95 28.76 -2.57
N GLY A 302 -6.20 28.69 -1.49
CA GLY A 302 -6.54 29.48 -0.32
C GLY A 302 -7.26 28.74 0.79
N GLY A 303 -7.21 27.42 0.76
CA GLY A 303 -7.87 26.62 1.79
C GLY A 303 -9.36 26.89 1.90
N SER A 304 -10.00 26.18 2.82
CA SER A 304 -11.44 26.34 3.06
C SER A 304 -11.73 27.56 3.92
N SER A 305 -12.77 28.30 3.57
CA SER A 305 -13.16 29.50 4.31
C SER A 305 -13.19 29.23 5.80
N THR A 306 -13.66 28.05 6.18
CA THR A 306 -13.74 27.65 7.59
C THR A 306 -12.73 26.55 7.91
N PRO A 307 -12.03 26.66 9.04
CA PRO A 307 -11.03 25.67 9.47
C PRO A 307 -11.61 24.25 9.58
N PRO A 308 -11.22 23.36 8.65
CA PRO A 308 -11.69 21.97 8.62
C PRO A 308 -11.60 21.25 9.97
N PRO A 309 -12.52 20.29 10.22
CA PRO A 309 -12.56 19.51 11.46
C PRO A 309 -11.24 18.80 11.75
N SER A 310 -11.03 18.43 13.00
CA SER A 310 -9.81 17.76 13.41
C SER A 310 -10.08 16.34 13.92
N GLY A 311 -10.40 15.44 13.01
CA GLY A 311 -10.66 14.05 13.38
C GLY A 311 -11.96 13.81 14.13
N GLY A 312 -12.63 12.72 13.79
CA GLY A 312 -13.88 12.36 14.44
C GLY A 312 -14.96 13.41 14.33
N GLY A 313 -15.45 13.65 13.12
CA GLY A 313 -16.50 14.64 12.91
C GLY A 313 -17.66 14.14 12.08
N GLN A 314 -18.68 14.97 11.93
CA GLN A 314 -19.86 14.61 11.15
C GLN A 314 -19.73 15.04 9.69
N ILE A 315 -20.39 14.30 8.82
CA ILE A 315 -20.37 14.60 7.39
C ILE A 315 -21.84 14.72 7.01
N LYS A 316 -22.30 15.95 6.87
CA LYS A 316 -23.70 16.20 6.55
C LYS A 316 -23.97 16.57 5.10
N GLY A 317 -24.99 15.93 4.53
CA GLY A 317 -25.35 16.21 3.15
C GLY A 317 -25.99 17.58 3.05
N VAL A 318 -25.62 18.34 2.04
CA VAL A 318 -26.19 19.67 1.87
C VAL A 318 -27.66 19.62 1.47
N GLY A 319 -27.97 18.78 0.49
CA GLY A 319 -29.35 18.68 0.04
C GLY A 319 -30.33 18.12 1.05
N SER A 320 -29.86 17.23 1.92
CA SER A 320 -30.73 16.61 2.90
C SER A 320 -30.63 17.20 4.30
N GLY A 321 -29.47 17.74 4.65
CA GLY A 321 -29.31 18.28 5.99
C GLY A 321 -29.12 17.10 6.94
N ARG A 322 -28.90 15.92 6.38
CA ARG A 322 -28.70 14.71 7.18
C ARG A 322 -27.26 14.20 7.08
N CYS A 323 -26.85 13.47 8.12
CA CYS A 323 -25.50 12.92 8.26
C CYS A 323 -25.20 11.51 7.73
N LEU A 324 -23.92 11.30 7.37
CA LEU A 324 -23.45 10.01 6.88
C LEU A 324 -23.50 9.13 8.13
N ASP A 325 -24.34 8.11 8.07
CA ASP A 325 -24.61 7.22 9.20
C ASP A 325 -24.44 5.73 8.90
N VAL A 326 -23.90 4.99 9.87
CA VAL A 326 -23.73 3.55 9.71
C VAL A 326 -24.93 2.92 10.44
N PRO A 327 -25.88 2.36 9.68
CA PRO A 327 -27.09 1.75 10.24
C PRO A 327 -26.92 1.01 11.56
N ASN A 328 -27.73 1.40 12.54
CA ASN A 328 -27.72 0.79 13.86
C ASN A 328 -26.32 0.71 14.47
N ALA A 329 -25.43 1.58 14.02
CA ALA A 329 -24.07 1.59 14.53
C ALA A 329 -23.47 0.19 14.38
N SER A 330 -23.80 -0.46 13.28
CA SER A 330 -23.27 -1.79 13.01
C SER A 330 -21.77 -1.66 12.77
N THR A 331 -21.05 -2.75 12.99
CA THR A 331 -19.61 -2.75 12.77
C THR A 331 -19.24 -3.87 11.81
N THR A 332 -20.25 -4.52 11.25
CA THR A 332 -19.99 -5.62 10.32
C THR A 332 -19.57 -5.14 8.92
N ASP A 333 -18.49 -5.72 8.42
CA ASP A 333 -17.99 -5.40 7.09
C ASP A 333 -19.10 -5.64 6.06
N GLY A 334 -19.21 -4.74 5.09
CA GLY A 334 -20.23 -4.89 4.07
C GLY A 334 -21.48 -4.07 4.32
N THR A 335 -21.60 -3.51 5.53
CA THR A 335 -22.77 -2.70 5.85
C THR A 335 -22.72 -1.40 5.06
N GLN A 336 -23.73 -1.17 4.21
CA GLN A 336 -23.79 0.05 3.40
C GLN A 336 -24.25 1.22 4.27
N VAL A 337 -23.66 2.40 4.05
CA VAL A 337 -24.01 3.58 4.84
C VAL A 337 -25.25 4.30 4.32
N GLN A 338 -25.81 5.15 5.18
CA GLN A 338 -27.02 5.86 4.87
C GLN A 338 -26.96 7.30 5.38
N LEU A 339 -28.06 8.02 5.13
CA LEU A 339 -28.23 9.38 5.61
C LEU A 339 -29.16 9.23 6.82
N TYR A 340 -28.97 10.08 7.83
CA TYR A 340 -29.82 10.02 9.00
C TYR A 340 -29.71 11.29 9.82
N ASP A 341 -30.79 11.65 10.49
CA ASP A 341 -30.80 12.85 11.33
C ASP A 341 -29.51 12.89 12.14
N CYS A 342 -28.78 14.00 12.05
CA CYS A 342 -27.52 14.14 12.75
C CYS A 342 -27.65 14.13 14.27
N HIS A 343 -26.74 13.42 14.93
CA HIS A 343 -26.71 13.36 16.38
C HIS A 343 -25.36 12.84 16.85
N SER A 344 -25.03 13.12 18.11
CA SER A 344 -23.75 12.67 18.65
C SER A 344 -23.78 11.16 18.87
N ALA A 345 -22.98 10.45 18.07
CA ALA A 345 -22.89 9.01 18.16
C ALA A 345 -21.70 8.59 17.30
N THR A 346 -21.03 7.51 17.71
CA THR A 346 -19.85 7.05 16.97
C THR A 346 -20.14 6.62 15.53
N ASN A 347 -21.33 6.12 15.26
CA ASN A 347 -21.65 5.69 13.90
C ASN A 347 -21.89 6.88 12.98
N GLN A 348 -21.58 8.08 13.46
CA GLN A 348 -21.71 9.30 12.68
C GLN A 348 -20.42 10.13 12.79
N GLN A 349 -19.45 9.61 13.52
CA GLN A 349 -18.17 10.30 13.72
C GLN A 349 -17.13 9.78 12.74
N TRP A 350 -16.83 10.57 11.71
CA TRP A 350 -15.87 10.18 10.69
C TRP A 350 -14.56 10.95 10.81
N THR A 351 -13.45 10.21 10.74
CA THR A 351 -12.13 10.82 10.83
C THR A 351 -11.42 10.71 9.48
N TYR A 352 -11.00 11.84 8.93
CA TYR A 352 -10.26 11.84 7.68
C TYR A 352 -8.79 11.71 8.06
N THR A 353 -8.13 10.69 7.53
CA THR A 353 -6.72 10.47 7.87
C THR A 353 -5.78 11.00 6.79
N ASP A 354 -4.49 11.08 7.12
CA ASP A 354 -3.48 11.58 6.18
C ASP A 354 -3.44 10.70 4.94
N ALA A 355 -3.75 9.43 5.10
CA ALA A 355 -3.74 8.48 3.99
C ALA A 355 -4.95 8.68 3.09
N GLY A 356 -5.94 9.44 3.55
CA GLY A 356 -7.13 9.69 2.75
C GLY A 356 -8.33 8.84 3.08
N GLU A 357 -8.30 8.16 4.23
CA GLU A 357 -9.41 7.32 4.65
C GLU A 357 -10.43 8.12 5.45
N LEU A 358 -11.63 7.56 5.54
CA LEU A 358 -12.69 8.15 6.34
C LEU A 358 -13.03 7.02 7.30
N ARG A 359 -12.40 7.06 8.47
CA ARG A 359 -12.57 6.04 9.48
C ARG A 359 -13.70 6.26 10.47
N VAL A 360 -14.23 5.14 10.94
CA VAL A 360 -15.32 5.15 11.91
C VAL A 360 -15.05 3.99 12.88
N TYR A 361 -15.36 4.20 14.16
CA TYR A 361 -15.12 3.19 15.19
C TYR A 361 -13.64 2.98 15.43
N GLY A 362 -12.81 3.77 14.76
CA GLY A 362 -11.37 3.64 14.95
C GLY A 362 -10.63 2.80 13.92
N ASP A 363 -11.20 1.67 13.51
CA ASP A 363 -10.52 0.82 12.53
C ASP A 363 -11.41 0.35 11.38
N LYS A 364 -12.49 1.09 11.11
CA LYS A 364 -13.39 0.75 10.01
C LYS A 364 -13.27 1.86 8.98
N CYS A 365 -13.25 1.50 7.71
CA CYS A 365 -13.09 2.49 6.63
C CYS A 365 -14.21 2.60 5.61
N LEU A 366 -14.55 3.84 5.24
CA LEU A 366 -15.57 4.07 4.23
C LEU A 366 -15.01 3.29 3.05
N ASP A 367 -15.79 2.36 2.52
CA ASP A 367 -15.32 1.48 1.45
C ASP A 367 -16.21 1.39 0.23
N ALA A 368 -15.57 1.39 -0.94
CA ALA A 368 -16.30 1.27 -2.20
C ALA A 368 -16.04 -0.15 -2.70
N ALA A 369 -17.11 -0.92 -2.84
CA ALA A 369 -17.01 -2.31 -3.28
C ALA A 369 -16.62 -2.47 -4.75
N GLY A 370 -16.80 -1.41 -5.53
CA GLY A 370 -16.48 -1.46 -6.95
C GLY A 370 -16.08 -0.10 -7.49
N THR A 371 -16.20 0.10 -8.80
CA THR A 371 -15.83 1.38 -9.39
C THR A 371 -16.87 1.98 -10.34
N GLY A 372 -17.99 1.30 -10.55
CA GLY A 372 -19.01 1.83 -11.44
C GLY A 372 -20.14 2.54 -10.71
N ASN A 373 -20.94 3.32 -11.44
CA ASN A 373 -22.07 4.01 -10.83
C ASN A 373 -22.94 2.98 -10.13
N GLY A 374 -23.51 3.36 -9.00
CA GLY A 374 -24.36 2.44 -8.27
C GLY A 374 -23.61 1.59 -7.27
N THR A 375 -22.28 1.64 -7.32
CA THR A 375 -21.48 0.87 -6.38
C THR A 375 -21.88 1.29 -4.97
N LYS A 376 -22.12 0.32 -4.11
CA LYS A 376 -22.51 0.61 -2.74
C LYS A 376 -21.32 1.16 -1.94
N VAL A 377 -21.57 2.21 -1.17
CA VAL A 377 -20.53 2.78 -0.32
C VAL A 377 -20.87 2.17 1.03
N GLN A 378 -19.88 1.52 1.63
CA GLN A 378 -20.07 0.80 2.87
C GLN A 378 -18.86 0.95 3.78
N ILE A 379 -18.84 0.15 4.85
CA ILE A 379 -17.70 0.15 5.75
C ILE A 379 -17.04 -1.21 5.58
N TYR A 380 -15.72 -1.23 5.75
CA TYR A 380 -14.95 -2.47 5.64
C TYR A 380 -13.69 -2.24 6.49
N SER A 381 -13.05 -3.32 6.90
CA SER A 381 -11.83 -3.19 7.70
C SER A 381 -10.85 -2.32 6.93
N CYS A 382 -10.14 -1.45 7.63
CA CYS A 382 -9.16 -0.56 6.99
C CYS A 382 -7.91 -1.32 6.59
N TRP A 383 -7.44 -1.12 5.36
CA TRP A 383 -6.22 -1.80 4.91
C TRP A 383 -5.38 -0.99 3.93
N GLY A 384 -5.83 0.22 3.62
CA GLY A 384 -5.08 1.09 2.73
C GLY A 384 -5.35 0.98 1.24
N GLY A 385 -6.44 0.31 0.87
CA GLY A 385 -6.76 0.21 -0.55
C GLY A 385 -7.26 1.54 -1.09
N ASP A 386 -7.09 1.77 -2.39
CA ASP A 386 -7.52 3.01 -3.02
C ASP A 386 -9.05 3.14 -3.06
N ASN A 387 -9.75 2.02 -2.88
CA ASN A 387 -11.20 2.04 -2.87
C ASN A 387 -11.65 2.44 -1.47
N GLN A 388 -10.67 2.78 -0.64
CA GLN A 388 -10.93 3.22 0.74
C GLN A 388 -10.27 4.58 0.97
N LYS A 389 -9.90 5.24 -0.13
CA LYS A 389 -9.27 6.55 -0.05
C LYS A 389 -10.14 7.53 -0.79
N TRP A 390 -10.32 8.71 -0.21
CA TRP A 390 -11.16 9.74 -0.79
C TRP A 390 -10.51 11.12 -0.83
N ARG A 391 -11.00 11.95 -1.74
CA ARG A 391 -10.49 13.31 -1.88
C ARG A 391 -11.59 14.28 -1.46
N LEU A 392 -11.25 15.21 -0.58
CA LEU A 392 -12.22 16.19 -0.12
C LEU A 392 -12.19 17.45 -0.98
N ASN A 393 -12.97 17.46 -2.05
CA ASN A 393 -12.98 18.61 -2.95
C ASN A 393 -13.50 19.87 -2.27
N SER A 394 -12.97 21.02 -2.69
CA SER A 394 -13.39 22.28 -2.09
C SER A 394 -14.87 22.57 -2.36
N ASP A 395 -15.44 21.96 -3.40
CA ASP A 395 -16.85 22.21 -3.69
C ASP A 395 -17.79 21.40 -2.79
N GLY A 396 -17.21 20.66 -1.85
CA GLY A 396 -18.02 19.87 -0.93
C GLY A 396 -18.29 18.44 -1.36
N SER A 397 -17.81 18.06 -2.53
CA SER A 397 -18.01 16.69 -3.00
C SER A 397 -16.86 15.81 -2.48
N ILE A 398 -17.14 14.53 -2.32
CA ILE A 398 -16.14 13.59 -1.83
C ILE A 398 -15.98 12.53 -2.92
N VAL A 399 -14.80 12.51 -3.53
CA VAL A 399 -14.52 11.59 -4.63
C VAL A 399 -13.62 10.42 -4.27
N GLY A 400 -14.00 9.22 -4.72
CA GLY A 400 -13.19 8.05 -4.46
C GLY A 400 -11.94 8.09 -5.32
N VAL A 401 -10.78 7.89 -4.71
CA VAL A 401 -9.53 7.91 -5.45
C VAL A 401 -9.49 6.87 -6.57
N GLN A 402 -9.83 5.64 -6.23
CA GLN A 402 -9.83 4.56 -7.23
C GLN A 402 -10.85 4.76 -8.34
N SER A 403 -12.11 4.99 -7.98
CA SER A 403 -13.18 5.15 -8.96
C SER A 403 -13.24 6.50 -9.66
N GLY A 404 -12.91 7.56 -8.94
CA GLY A 404 -12.99 8.88 -9.52
C GLY A 404 -14.45 9.33 -9.47
N LEU A 405 -15.24 8.61 -8.69
CA LEU A 405 -16.67 8.91 -8.53
C LEU A 405 -16.96 9.57 -7.19
N CYS A 406 -18.08 10.28 -7.12
CA CYS A 406 -18.50 10.99 -5.92
C CYS A 406 -19.49 10.23 -5.04
N LEU A 407 -19.46 10.52 -3.74
CA LEU A 407 -20.42 9.91 -2.82
C LEU A 407 -21.72 10.53 -3.27
N ASP A 408 -22.77 9.71 -3.35
CA ASP A 408 -24.04 10.16 -3.86
C ASP A 408 -25.23 9.55 -3.10
N ALA A 409 -26.17 10.40 -2.68
CA ALA A 409 -27.37 9.93 -1.99
C ALA A 409 -28.32 9.43 -3.09
N VAL A 410 -28.56 8.12 -3.10
CA VAL A 410 -29.41 7.49 -4.11
C VAL A 410 -30.67 8.25 -4.49
N GLY A 411 -30.82 8.48 -5.80
CA GLY A 411 -31.98 9.17 -6.31
C GLY A 411 -32.25 10.53 -5.70
N GLY A 412 -31.19 11.18 -5.23
CA GLY A 412 -31.36 12.49 -4.61
C GLY A 412 -32.20 12.41 -3.35
N GLY A 413 -32.33 11.21 -2.79
CA GLY A 413 -33.11 11.04 -1.57
C GLY A 413 -32.60 11.93 -0.46
N THR A 414 -33.50 12.35 0.42
CA THR A 414 -33.14 13.23 1.53
C THR A 414 -33.62 12.69 2.88
N ALA A 415 -34.52 11.72 2.85
CA ALA A 415 -35.07 11.15 4.09
C ALA A 415 -34.13 10.18 4.79
N ASN A 416 -34.41 9.89 6.06
CA ASN A 416 -33.60 8.95 6.82
C ASN A 416 -33.63 7.62 6.08
N GLY A 417 -32.50 6.92 6.04
CA GLY A 417 -32.47 5.64 5.35
C GLY A 417 -32.02 5.70 3.91
N THR A 418 -31.91 6.89 3.34
CA THR A 418 -31.45 7.01 1.95
C THR A 418 -30.04 6.44 1.94
N LEU A 419 -29.78 5.52 1.03
CA LEU A 419 -28.47 4.86 0.94
C LEU A 419 -27.44 5.67 0.17
N ILE A 420 -26.18 5.36 0.42
CA ILE A 420 -25.08 6.05 -0.25
C ILE A 420 -24.42 5.17 -1.29
N GLN A 421 -24.25 5.73 -2.49
CA GLN A 421 -23.63 5.00 -3.59
C GLN A 421 -22.56 5.86 -4.26
N LEU A 422 -21.83 5.27 -5.20
CA LEU A 422 -20.83 6.00 -5.98
C LEU A 422 -21.54 6.40 -7.26
N TYR A 423 -21.19 7.56 -7.81
CA TYR A 423 -21.81 8.01 -9.04
C TYR A 423 -21.02 9.15 -9.66
N SER A 424 -21.17 9.33 -10.97
CA SER A 424 -20.49 10.40 -11.67
C SER A 424 -20.77 11.71 -10.97
N CYS A 425 -19.71 12.43 -10.62
CA CYS A 425 -19.83 13.70 -9.92
C CYS A 425 -20.71 14.62 -10.76
N SER A 426 -21.73 15.18 -10.14
CA SER A 426 -22.69 16.02 -10.85
C SER A 426 -22.90 17.41 -10.28
N ASN A 427 -22.24 17.71 -9.18
CA ASN A 427 -22.41 19.00 -8.52
C ASN A 427 -23.79 19.15 -7.89
N GLY A 428 -24.55 18.05 -7.88
CA GLY A 428 -25.88 18.08 -7.29
C GLY A 428 -25.75 18.21 -5.78
N SER A 429 -26.81 18.65 -5.11
CA SER A 429 -26.76 18.81 -3.66
C SER A 429 -26.66 17.48 -2.93
N ASN A 430 -27.01 16.40 -3.63
CA ASN A 430 -26.96 15.07 -3.02
C ASN A 430 -25.55 14.50 -3.15
N GLN A 431 -24.62 15.35 -3.57
CA GLN A 431 -23.22 14.97 -3.71
C GLN A 431 -22.32 15.98 -3.02
N ARG A 432 -22.94 16.93 -2.30
CA ARG A 432 -22.21 17.96 -1.58
C ARG A 432 -22.33 17.70 -0.09
N TRP A 433 -21.23 17.85 0.63
CA TRP A 433 -21.21 17.60 2.06
C TRP A 433 -20.44 18.66 2.83
N THR A 434 -20.83 18.88 4.08
CA THR A 434 -20.13 19.84 4.92
C THR A 434 -19.59 19.06 6.12
N ARG A 435 -18.32 19.26 6.42
CA ARG A 435 -17.71 18.57 7.55
C ARG A 435 -17.63 19.46 8.78
N THR A 436 -18.15 18.95 9.89
CA THR A 436 -18.15 19.68 11.15
C THR A 436 -17.96 18.70 12.31
N ALA B 1 4.64 -28.75 17.64
CA ALA B 1 5.45 -27.87 16.76
C ALA B 1 4.66 -26.62 16.41
N GLU B 2 3.99 -26.07 17.43
CA GLU B 2 3.17 -24.86 17.33
C GLU B 2 3.85 -23.60 16.80
N SER B 3 4.94 -23.74 16.05
CA SER B 3 5.63 -22.56 15.53
C SER B 3 5.39 -22.35 14.03
N THR B 4 4.75 -23.32 13.38
CA THR B 4 4.44 -23.20 11.96
C THR B 4 2.95 -23.48 11.77
N LEU B 5 2.35 -22.91 10.74
CA LEU B 5 0.93 -23.09 10.51
C LEU B 5 0.50 -24.56 10.40
N GLY B 6 1.23 -25.32 9.60
CA GLY B 6 0.89 -26.72 9.43
C GLY B 6 0.92 -27.51 10.72
N ALA B 7 2.01 -27.36 11.48
CA ALA B 7 2.19 -28.06 12.74
C ALA B 7 1.18 -27.60 13.80
N ALA B 8 0.84 -26.32 13.77
CA ALA B 8 -0.14 -25.79 14.71
C ALA B 8 -1.49 -26.40 14.36
N ALA B 9 -1.84 -26.35 13.08
CA ALA B 9 -3.09 -26.91 12.61
C ALA B 9 -3.20 -28.38 13.03
N ALA B 10 -2.08 -29.09 12.95
CA ALA B 10 -2.03 -30.50 13.29
C ALA B 10 -2.42 -30.77 14.75
N GLN B 11 -2.30 -29.75 15.61
CA GLN B 11 -2.66 -29.90 17.00
C GLN B 11 -4.16 -30.06 17.20
N SER B 12 -4.94 -29.77 16.16
CA SER B 12 -6.39 -29.92 16.26
C SER B 12 -6.84 -30.99 15.27
N GLY B 13 -5.86 -31.71 14.72
CA GLY B 13 -6.14 -32.76 13.76
C GLY B 13 -6.40 -32.26 12.36
N ARG B 14 -6.06 -30.99 12.11
CA ARG B 14 -6.29 -30.40 10.80
C ARG B 14 -4.99 -30.11 10.06
N TYR B 15 -5.13 -29.65 8.82
CA TYR B 15 -3.97 -29.31 8.00
C TYR B 15 -4.07 -27.85 7.63
N PHE B 16 -2.97 -27.30 7.12
CA PHE B 16 -2.97 -25.93 6.65
C PHE B 16 -2.13 -25.95 5.38
N GLY B 17 -2.76 -25.65 4.25
CA GLY B 17 -2.03 -25.68 3.00
C GLY B 17 -1.96 -24.38 2.26
N THR B 18 -1.37 -24.45 1.06
CA THR B 18 -1.25 -23.31 0.18
C THR B 18 -1.34 -23.84 -1.25
N ALA B 19 -1.44 -22.91 -2.20
CA ALA B 19 -1.48 -23.25 -3.61
C ALA B 19 -0.06 -23.05 -4.11
N ILE B 20 0.48 -24.07 -4.77
CA ILE B 20 1.84 -24.01 -5.28
C ILE B 20 1.88 -23.78 -6.78
N ALA B 21 2.73 -22.87 -7.21
CA ALA B 21 2.91 -22.58 -8.63
C ALA B 21 4.25 -23.21 -9.01
N SER B 22 4.19 -24.22 -9.87
CA SER B 22 5.41 -24.92 -10.30
C SER B 22 6.51 -23.98 -10.82
N GLY B 23 6.11 -22.87 -11.44
CA GLY B 23 7.08 -21.92 -11.97
C GLY B 23 7.83 -21.14 -10.90
N LYS B 24 7.43 -21.31 -9.65
CA LYS B 24 8.08 -20.62 -8.55
C LYS B 24 8.91 -21.53 -7.68
N LEU B 25 8.88 -22.83 -7.98
CA LEU B 25 9.62 -23.81 -7.19
C LEU B 25 11.13 -23.67 -7.26
N GLY B 26 11.63 -22.90 -8.23
CA GLY B 26 13.07 -22.69 -8.33
C GLY B 26 13.47 -21.47 -7.52
N ASP B 27 12.48 -20.83 -6.93
CA ASP B 27 12.71 -19.65 -6.11
C ASP B 27 12.92 -20.14 -4.68
N SER B 28 14.17 -20.16 -4.22
CA SER B 28 14.49 -20.63 -2.88
C SER B 28 13.74 -19.93 -1.77
N ALA B 29 13.51 -18.63 -1.92
CA ALA B 29 12.81 -17.87 -0.90
C ALA B 29 11.39 -18.39 -0.79
N TYR B 30 10.80 -18.69 -1.94
CA TYR B 30 9.45 -19.21 -2.05
C TYR B 30 9.34 -20.61 -1.43
N THR B 31 10.17 -21.54 -1.89
CA THR B 31 10.14 -22.91 -1.38
C THR B 31 10.49 -23.02 0.10
N THR B 32 11.37 -22.13 0.58
CA THR B 32 11.73 -22.15 1.99
C THR B 32 10.49 -21.93 2.86
N ILE B 33 9.68 -20.95 2.50
CA ILE B 33 8.46 -20.65 3.26
C ILE B 33 7.42 -21.76 3.05
N ALA B 34 7.16 -22.10 1.80
CA ALA B 34 6.16 -23.12 1.48
C ALA B 34 6.41 -24.44 2.21
N SER B 35 7.63 -24.94 2.12
CA SER B 35 7.96 -26.21 2.75
C SER B 35 7.82 -26.18 4.26
N ARG B 36 8.26 -25.08 4.87
CA ARG B 36 8.20 -24.92 6.32
C ARG B 36 6.80 -24.71 6.91
N GLU B 37 5.98 -23.91 6.25
CA GLU B 37 4.66 -23.58 6.78
C GLU B 37 3.44 -24.46 6.48
N PHE B 38 3.46 -25.23 5.41
CA PHE B 38 2.29 -26.01 5.05
C PHE B 38 2.48 -27.52 4.92
N ASN B 39 1.43 -28.27 5.21
CA ASN B 39 1.46 -29.72 5.09
C ASN B 39 0.41 -30.21 4.10
N MET B 40 -0.10 -29.29 3.28
CA MET B 40 -1.09 -29.61 2.26
C MET B 40 -0.79 -28.73 1.05
N VAL B 41 -0.87 -29.30 -0.14
CA VAL B 41 -0.58 -28.56 -1.37
C VAL B 41 -1.65 -28.71 -2.44
N THR B 42 -1.99 -27.60 -3.08
CA THR B 42 -2.93 -27.62 -4.20
C THR B 42 -2.16 -27.01 -5.38
N ALA B 43 -2.28 -27.59 -6.57
CA ALA B 43 -1.58 -27.04 -7.73
C ALA B 43 -2.42 -25.83 -8.14
N GLU B 44 -1.80 -24.66 -8.22
CA GLU B 44 -2.55 -23.47 -8.57
C GLU B 44 -3.21 -23.52 -9.95
N ASN B 45 -2.57 -24.19 -10.91
CA ASN B 45 -3.10 -24.29 -12.28
C ASN B 45 -2.72 -25.60 -13.00
N GLU B 46 -1.65 -26.24 -12.54
CA GLU B 46 -1.10 -27.45 -13.15
C GLU B 46 -1.98 -28.69 -13.27
N MET B 47 -3.04 -28.79 -12.48
CA MET B 47 -3.89 -29.97 -12.58
C MET B 47 -5.25 -29.65 -13.18
N LYS B 48 -5.38 -28.45 -13.71
CA LYS B 48 -6.63 -28.04 -14.33
C LYS B 48 -6.81 -28.71 -15.69
N ILE B 49 -8.02 -28.59 -16.25
CA ILE B 49 -8.34 -29.24 -17.52
C ILE B 49 -7.39 -28.94 -18.68
N ASP B 50 -7.13 -27.66 -18.94
CA ASP B 50 -6.26 -27.30 -20.03
C ASP B 50 -4.83 -27.77 -19.84
N ALA B 51 -4.36 -27.81 -18.59
CA ALA B 51 -3.00 -28.24 -18.29
C ALA B 51 -2.82 -29.77 -18.38
N THR B 52 -3.89 -30.51 -18.09
CA THR B 52 -3.81 -31.97 -18.10
C THR B 52 -4.28 -32.67 -19.38
N GLU B 53 -5.09 -32.01 -20.20
CA GLU B 53 -5.54 -32.60 -21.45
C GLU B 53 -5.55 -31.51 -22.53
N PRO B 54 -4.35 -31.11 -23.00
CA PRO B 54 -4.07 -30.08 -24.01
C PRO B 54 -4.87 -30.26 -25.31
N GLN B 55 -4.99 -31.51 -25.73
CA GLN B 55 -5.75 -31.85 -26.92
C GLN B 55 -6.62 -33.02 -26.52
N ARG B 56 -7.76 -33.18 -27.18
CA ARG B 56 -8.68 -34.24 -26.82
C ARG B 56 -8.10 -35.65 -26.88
N GLY B 57 -8.09 -36.32 -25.72
CA GLY B 57 -7.57 -37.69 -25.64
C GLY B 57 -6.09 -37.77 -25.34
N GLN B 58 -5.43 -36.62 -25.31
CA GLN B 58 -4.01 -36.56 -25.06
C GLN B 58 -3.76 -35.92 -23.70
N PHE B 59 -3.39 -36.74 -22.73
CA PHE B 59 -3.15 -36.25 -21.37
C PHE B 59 -1.69 -35.85 -21.15
N ASN B 60 -1.48 -34.83 -20.34
CA ASN B 60 -0.14 -34.33 -20.04
C ASN B 60 -0.06 -34.01 -18.55
N PHE B 61 0.85 -34.67 -17.84
CA PHE B 61 0.98 -34.46 -16.41
C PHE B 61 2.33 -33.92 -15.96
N SER B 62 3.13 -33.43 -16.90
CA SER B 62 4.44 -32.91 -16.53
C SER B 62 4.35 -31.75 -15.55
N ALA B 63 3.45 -30.81 -15.80
CA ALA B 63 3.28 -29.66 -14.92
C ALA B 63 2.70 -30.07 -13.57
N GLY B 64 1.67 -30.92 -13.61
CA GLY B 64 1.04 -31.39 -12.39
C GLY B 64 1.95 -32.22 -11.53
N ASP B 65 2.76 -33.07 -12.15
CA ASP B 65 3.70 -33.92 -11.43
C ASP B 65 4.82 -33.12 -10.76
N ARG B 66 5.23 -32.01 -11.38
CA ARG B 66 6.27 -31.17 -10.78
C ARG B 66 5.76 -30.71 -9.41
N VAL B 67 4.50 -30.26 -9.37
CA VAL B 67 3.92 -29.81 -8.11
C VAL B 67 3.79 -31.00 -7.17
N TYR B 68 3.18 -32.09 -7.65
CA TYR B 68 2.98 -33.27 -6.84
C TYR B 68 4.28 -33.79 -6.24
N ASN B 69 5.30 -34.01 -7.08
CA ASN B 69 6.58 -34.51 -6.62
C ASN B 69 7.18 -33.64 -5.51
N TRP B 70 7.13 -32.33 -5.69
CA TRP B 70 7.66 -31.43 -4.68
C TRP B 70 6.88 -31.58 -3.37
N ALA B 71 5.57 -31.72 -3.48
CA ALA B 71 4.72 -31.87 -2.30
C ALA B 71 5.04 -33.10 -1.47
N VAL B 72 5.11 -34.26 -2.11
CA VAL B 72 5.40 -35.49 -1.35
C VAL B 72 6.83 -35.52 -0.84
N GLN B 73 7.76 -34.98 -1.63
CA GLN B 73 9.15 -34.95 -1.23
C GLN B 73 9.31 -34.10 0.03
N ASN B 74 8.35 -33.21 0.27
CA ASN B 74 8.41 -32.36 1.44
C ASN B 74 7.34 -32.69 2.49
N GLY B 75 6.87 -33.93 2.44
CA GLY B 75 5.89 -34.40 3.41
C GLY B 75 4.52 -33.75 3.41
N LYS B 76 4.04 -33.35 2.23
CA LYS B 76 2.72 -32.73 2.15
C LYS B 76 1.71 -33.60 1.41
N GLN B 77 0.45 -33.53 1.84
CA GLN B 77 -0.60 -34.26 1.16
C GLN B 77 -0.99 -33.32 0.03
N VAL B 78 -1.80 -33.80 -0.90
CA VAL B 78 -2.19 -33.00 -2.05
C VAL B 78 -3.68 -32.99 -2.37
N ARG B 79 -4.20 -31.81 -2.68
CA ARG B 79 -5.61 -31.66 -3.08
C ARG B 79 -5.61 -31.48 -4.60
N GLY B 80 -6.31 -32.34 -5.32
CA GLY B 80 -6.37 -32.22 -6.77
C GLY B 80 -7.38 -31.15 -7.16
N HIS B 81 -6.96 -30.24 -8.04
CA HIS B 81 -7.82 -29.15 -8.49
C HIS B 81 -7.56 -28.87 -9.98
N THR B 82 -8.56 -28.99 -10.85
CA THR B 82 -9.94 -29.39 -10.56
C THR B 82 -10.39 -30.18 -11.82
N LEU B 83 -11.28 -31.14 -11.66
CA LEU B 83 -11.69 -32.02 -12.76
C LEU B 83 -12.77 -31.59 -13.77
N ALA B 84 -13.80 -30.90 -13.33
CA ALA B 84 -14.88 -30.46 -14.23
C ALA B 84 -15.13 -29.00 -13.92
N TRP B 85 -15.01 -28.14 -14.93
CA TRP B 85 -15.16 -26.72 -14.70
C TRP B 85 -15.39 -25.94 -16.00
N HIS B 86 -16.17 -24.87 -15.91
CA HIS B 86 -16.48 -24.04 -17.07
C HIS B 86 -15.34 -23.12 -17.47
N SER B 87 -14.41 -22.93 -16.54
CA SER B 87 -13.29 -22.02 -16.77
C SER B 87 -11.96 -22.75 -17.08
N GLN B 88 -11.08 -22.05 -17.78
CA GLN B 88 -9.77 -22.58 -18.17
C GLN B 88 -9.87 -23.94 -18.85
N GLN B 89 -10.81 -24.06 -19.78
CA GLN B 89 -10.95 -25.28 -20.55
C GLN B 89 -10.10 -25.11 -21.80
N PRO B 90 -9.42 -26.17 -22.23
CA PRO B 90 -8.61 -26.04 -23.44
C PRO B 90 -9.56 -25.70 -24.59
N GLY B 91 -9.06 -25.04 -25.63
CA GLY B 91 -9.89 -24.68 -26.76
C GLY B 91 -10.78 -25.79 -27.31
N TRP B 92 -10.22 -26.98 -27.49
CA TRP B 92 -10.98 -28.10 -28.03
C TRP B 92 -12.20 -28.44 -27.19
N MET B 93 -12.12 -28.21 -25.88
CA MET B 93 -13.27 -28.52 -25.01
C MET B 93 -14.31 -27.40 -25.05
N GLN B 94 -13.87 -26.15 -25.14
CA GLN B 94 -14.78 -25.01 -25.18
C GLN B 94 -15.72 -25.08 -26.37
N SER B 95 -15.26 -25.71 -27.45
CA SER B 95 -16.07 -25.83 -28.65
C SER B 95 -17.03 -27.03 -28.62
N LEU B 96 -17.03 -27.78 -27.51
CA LEU B 96 -17.92 -28.94 -27.39
C LEU B 96 -19.22 -28.59 -26.69
N SER B 97 -20.26 -29.37 -26.97
CA SER B 97 -21.57 -29.19 -26.36
C SER B 97 -22.31 -30.52 -26.43
N GLY B 98 -23.39 -30.63 -25.66
CA GLY B 98 -24.19 -31.86 -25.67
C GLY B 98 -23.46 -33.11 -25.27
N SER B 99 -23.94 -34.24 -25.78
CA SER B 99 -23.37 -35.54 -25.47
C SER B 99 -21.88 -35.62 -25.76
N THR B 100 -21.43 -34.93 -26.80
CA THR B 100 -20.01 -34.95 -27.14
C THR B 100 -19.20 -34.34 -26.01
N LEU B 101 -19.73 -33.27 -25.40
CA LEU B 101 -19.04 -32.62 -24.30
C LEU B 101 -19.17 -33.51 -23.05
N ARG B 102 -20.38 -34.04 -22.83
CA ARG B 102 -20.62 -34.89 -21.68
C ARG B 102 -19.61 -36.03 -21.58
N GLN B 103 -19.38 -36.71 -22.69
CA GLN B 103 -18.44 -37.82 -22.70
C GLN B 103 -17.00 -37.34 -22.54
N ALA B 104 -16.68 -36.18 -23.12
CA ALA B 104 -15.33 -35.62 -22.98
C ALA B 104 -15.10 -35.33 -21.50
N MET B 105 -16.14 -34.81 -20.84
CA MET B 105 -16.05 -34.50 -19.41
C MET B 105 -15.70 -35.75 -18.63
N ILE B 106 -16.41 -36.84 -18.93
CA ILE B 106 -16.19 -38.12 -18.27
C ILE B 106 -14.82 -38.67 -18.63
N ASP B 107 -14.46 -38.60 -19.92
CA ASP B 107 -13.16 -39.10 -20.34
C ASP B 107 -12.03 -38.34 -19.63
N HIS B 108 -12.21 -37.04 -19.44
CA HIS B 108 -11.19 -36.23 -18.78
C HIS B 108 -11.01 -36.67 -17.33
N ILE B 109 -12.13 -36.85 -16.62
CA ILE B 109 -12.10 -37.27 -15.23
C ILE B 109 -11.37 -38.61 -15.06
N ASN B 110 -11.68 -39.57 -15.92
CA ASN B 110 -11.04 -40.88 -15.84
C ASN B 110 -9.54 -40.78 -16.08
N GLY B 111 -9.16 -40.01 -17.09
CA GLY B 111 -7.74 -39.86 -17.39
C GLY B 111 -6.91 -39.24 -16.27
N VAL B 112 -7.35 -38.12 -15.72
CA VAL B 112 -6.59 -37.45 -14.67
C VAL B 112 -6.57 -38.21 -13.34
N MET B 113 -7.72 -38.70 -12.90
CA MET B 113 -7.78 -39.43 -11.64
C MET B 113 -7.02 -40.75 -11.74
N GLY B 114 -7.05 -41.34 -12.93
CA GLY B 114 -6.34 -42.59 -13.14
C GLY B 114 -4.86 -42.36 -12.92
N HIS B 115 -4.32 -41.32 -13.54
CA HIS B 115 -2.91 -40.98 -13.38
C HIS B 115 -2.53 -40.79 -11.91
N TYR B 116 -3.40 -40.13 -11.15
CA TYR B 116 -3.12 -39.85 -9.74
C TYR B 116 -3.82 -40.78 -8.75
N LYS B 117 -4.37 -41.88 -9.23
CA LYS B 117 -5.08 -42.82 -8.36
C LYS B 117 -4.33 -43.23 -7.10
N GLY B 118 -4.97 -43.02 -5.95
CA GLY B 118 -4.37 -43.37 -4.68
C GLY B 118 -3.34 -42.39 -4.18
N LYS B 119 -3.13 -41.29 -4.90
CA LYS B 119 -2.15 -40.31 -4.47
C LYS B 119 -2.77 -38.97 -4.02
N ILE B 120 -4.07 -38.81 -4.19
CA ILE B 120 -4.75 -37.57 -3.85
C ILE B 120 -5.73 -37.65 -2.67
N ALA B 121 -5.54 -36.80 -1.67
CA ALA B 121 -6.41 -36.78 -0.49
C ALA B 121 -7.83 -36.28 -0.81
N GLN B 122 -7.90 -35.18 -1.54
CA GLN B 122 -9.20 -34.61 -1.93
C GLN B 122 -9.13 -34.18 -3.39
N TRP B 123 -10.26 -34.29 -4.08
CA TRP B 123 -10.32 -33.86 -5.47
C TRP B 123 -11.48 -32.88 -5.58
N ASP B 124 -11.23 -31.72 -6.18
CA ASP B 124 -12.32 -30.79 -6.40
C ASP B 124 -12.87 -31.33 -7.72
N VAL B 125 -13.79 -32.27 -7.63
CA VAL B 125 -14.36 -32.90 -8.82
C VAL B 125 -15.05 -31.88 -9.72
N VAL B 126 -15.95 -31.08 -9.16
CA VAL B 126 -16.66 -30.05 -9.91
C VAL B 126 -16.38 -28.71 -9.25
N ASN B 127 -16.14 -27.69 -10.07
CA ASN B 127 -15.84 -26.36 -9.58
C ASN B 127 -16.76 -25.27 -10.11
N GLU B 128 -17.23 -24.40 -9.22
CA GLU B 128 -18.06 -23.25 -9.57
C GLU B 128 -19.21 -23.50 -10.56
N ALA B 129 -20.12 -24.39 -10.20
CA ALA B 129 -21.24 -24.74 -11.07
C ALA B 129 -22.50 -23.92 -10.81
N PHE B 130 -22.48 -23.05 -9.81
CA PHE B 130 -23.63 -22.22 -9.51
C PHE B 130 -23.42 -20.77 -9.89
N SER B 131 -24.51 -20.09 -10.22
CA SER B 131 -24.48 -18.69 -10.66
C SER B 131 -24.32 -17.68 -9.52
N ASP B 132 -23.97 -16.46 -9.91
CA ASP B 132 -23.82 -15.34 -8.98
C ASP B 132 -24.94 -14.32 -9.17
N ASP B 133 -25.83 -14.56 -10.14
CA ASP B 133 -26.90 -13.59 -10.38
C ASP B 133 -27.77 -13.31 -9.17
N GLY B 134 -27.73 -14.18 -8.17
CA GLY B 134 -28.50 -13.96 -6.96
C GLY B 134 -29.70 -14.86 -6.72
N SER B 135 -30.02 -15.73 -7.66
CA SER B 135 -31.15 -16.63 -7.50
C SER B 135 -30.71 -18.04 -7.08
N GLY B 136 -29.41 -18.25 -6.98
CA GLY B 136 -28.90 -19.55 -6.57
C GLY B 136 -29.13 -20.68 -7.56
N GLY B 137 -29.27 -20.33 -8.85
CA GLY B 137 -29.46 -21.35 -9.85
C GLY B 137 -28.13 -21.82 -10.40
N ARG B 138 -28.17 -22.69 -11.40
CA ARG B 138 -26.96 -23.21 -12.01
C ARG B 138 -26.32 -22.18 -12.96
N ARG B 139 -25.00 -22.18 -13.02
CA ARG B 139 -24.29 -21.29 -13.92
C ARG B 139 -24.55 -21.83 -15.32
N ASP B 140 -24.89 -20.95 -16.26
CA ASP B 140 -25.11 -21.39 -17.63
C ASP B 140 -23.74 -21.52 -18.31
N SER B 141 -23.36 -22.76 -18.60
CA SER B 141 -22.09 -23.05 -19.25
C SER B 141 -22.32 -24.21 -20.21
N ASN B 142 -21.33 -24.53 -21.04
CA ASN B 142 -21.49 -25.64 -21.96
C ASN B 142 -21.72 -26.92 -21.17
N LEU B 143 -21.10 -27.02 -19.99
CA LEU B 143 -21.28 -28.20 -19.15
C LEU B 143 -22.72 -28.32 -18.65
N GLN B 144 -23.25 -27.25 -18.08
CA GLN B 144 -24.62 -27.24 -17.57
C GLN B 144 -25.62 -27.48 -18.69
N ARG B 145 -25.28 -27.04 -19.91
CA ARG B 145 -26.18 -27.21 -21.04
C ARG B 145 -26.22 -28.64 -21.57
N THR B 146 -25.39 -29.52 -21.01
CA THR B 146 -25.41 -30.92 -21.43
C THR B 146 -26.54 -31.59 -20.63
N GLY B 147 -26.98 -30.91 -19.58
CA GLY B 147 -28.04 -31.46 -18.74
C GLY B 147 -27.76 -31.21 -17.27
N ASN B 148 -28.81 -30.96 -16.52
CA ASN B 148 -28.69 -30.68 -15.09
C ASN B 148 -27.94 -31.75 -14.31
N ASP B 149 -27.96 -32.97 -14.83
CA ASP B 149 -27.32 -34.11 -14.18
C ASP B 149 -25.82 -34.23 -14.38
N TRP B 150 -25.19 -33.27 -15.03
CA TRP B 150 -23.76 -33.36 -15.28
C TRP B 150 -22.88 -33.44 -14.02
N ILE B 151 -23.25 -32.71 -12.98
CA ILE B 151 -22.48 -32.70 -11.74
C ILE B 151 -22.55 -34.09 -11.11
N GLU B 152 -23.76 -34.62 -11.02
CA GLU B 152 -23.97 -35.96 -10.47
C GLU B 152 -23.13 -36.99 -11.21
N VAL B 153 -23.15 -36.90 -12.54
CA VAL B 153 -22.39 -37.82 -13.36
C VAL B 153 -20.90 -37.70 -13.11
N ALA B 154 -20.42 -36.48 -12.93
CA ALA B 154 -19.00 -36.23 -12.66
C ALA B 154 -18.57 -36.91 -11.36
N PHE B 155 -19.42 -36.83 -10.34
CA PHE B 155 -19.10 -37.42 -9.05
C PHE B 155 -19.14 -38.95 -9.09
N ARG B 156 -20.10 -39.51 -9.82
CA ARG B 156 -20.19 -40.96 -9.92
C ARG B 156 -18.95 -41.43 -10.69
N THR B 157 -18.61 -40.71 -11.75
CA THR B 157 -17.43 -41.06 -12.54
C THR B 157 -16.17 -41.01 -11.67
N ALA B 158 -16.03 -39.95 -10.88
CA ALA B 158 -14.86 -39.80 -10.01
C ALA B 158 -14.75 -40.92 -8.98
N ARG B 159 -15.87 -41.24 -8.32
CA ARG B 159 -15.86 -42.29 -7.29
C ARG B 159 -15.29 -43.60 -7.85
N ALA B 160 -15.76 -43.98 -9.03
CA ALA B 160 -15.31 -45.21 -9.67
C ALA B 160 -13.84 -45.10 -10.11
N ALA B 161 -13.42 -43.92 -10.54
CA ALA B 161 -12.05 -43.72 -10.99
C ALA B 161 -11.02 -43.86 -9.85
N ASP B 162 -11.37 -43.38 -8.65
CA ASP B 162 -10.47 -43.46 -7.50
C ASP B 162 -11.24 -43.39 -6.18
N PRO B 163 -11.77 -44.53 -5.72
CA PRO B 163 -12.53 -44.55 -4.48
C PRO B 163 -11.79 -44.11 -3.21
N ALA B 164 -10.46 -44.04 -3.26
CA ALA B 164 -9.70 -43.63 -2.08
C ALA B 164 -9.73 -42.13 -1.85
N ALA B 165 -10.09 -41.38 -2.89
CA ALA B 165 -10.13 -39.93 -2.79
C ALA B 165 -11.43 -39.36 -2.23
N LYS B 166 -11.32 -38.28 -1.49
CA LYS B 166 -12.50 -37.62 -0.98
C LYS B 166 -12.94 -36.76 -2.17
N LEU B 167 -14.22 -36.85 -2.52
CA LEU B 167 -14.76 -36.09 -3.64
C LEU B 167 -15.42 -34.81 -3.15
N CYS B 168 -14.89 -33.66 -3.57
CA CYS B 168 -15.42 -32.36 -3.16
C CYS B 168 -16.07 -31.55 -4.26
N TYR B 169 -17.07 -30.77 -3.88
CA TYR B 169 -17.72 -29.83 -4.79
C TYR B 169 -17.10 -28.52 -4.28
N ASN B 170 -16.45 -27.77 -5.15
CA ASN B 170 -15.79 -26.52 -4.76
C ASN B 170 -16.44 -25.28 -5.38
N ASP B 171 -16.54 -24.20 -4.60
CA ASP B 171 -17.14 -22.97 -5.12
C ASP B 171 -16.83 -21.75 -4.24
N TYR B 172 -17.11 -20.57 -4.78
CA TYR B 172 -16.88 -19.31 -4.06
C TYR B 172 -18.22 -18.61 -3.83
N ASN B 173 -18.24 -17.62 -2.94
CA ASN B 173 -19.46 -16.89 -2.60
C ASN B 173 -20.54 -17.83 -2.04
N ILE B 174 -20.09 -18.87 -1.36
CA ILE B 174 -21.00 -19.83 -0.75
C ILE B 174 -20.65 -19.94 0.73
N GLU B 175 -20.09 -18.86 1.26
CA GLU B 175 -19.70 -18.80 2.66
C GLU B 175 -20.76 -18.08 3.51
N ASN B 176 -21.48 -17.12 2.92
CA ASN B 176 -22.52 -16.39 3.66
C ASN B 176 -23.84 -17.14 3.52
N TRP B 177 -24.36 -17.62 4.64
CA TRP B 177 -25.60 -18.38 4.62
C TRP B 177 -26.78 -17.65 3.97
N THR B 178 -26.78 -16.32 4.06
CA THR B 178 -27.89 -15.56 3.49
C THR B 178 -27.90 -15.45 1.97
N TRP B 179 -26.77 -15.77 1.34
CA TRP B 179 -26.72 -15.68 -0.12
C TRP B 179 -27.41 -16.90 -0.73
N ALA B 180 -28.15 -16.64 -1.80
CA ALA B 180 -28.91 -17.68 -2.50
C ALA B 180 -28.02 -18.77 -3.06
N LYS B 181 -26.81 -18.40 -3.51
CA LYS B 181 -25.87 -19.36 -4.08
C LYS B 181 -25.52 -20.41 -3.03
N THR B 182 -25.25 -19.95 -1.82
CA THR B 182 -24.92 -20.83 -0.71
C THR B 182 -26.00 -21.88 -0.46
N GLN B 183 -27.26 -21.43 -0.47
CA GLN B 183 -28.39 -22.32 -0.20
C GLN B 183 -28.60 -23.28 -1.37
N GLY B 184 -28.27 -22.82 -2.57
CA GLY B 184 -28.43 -23.67 -3.74
C GLY B 184 -27.47 -24.84 -3.71
N VAL B 185 -26.23 -24.58 -3.30
CA VAL B 185 -25.25 -25.64 -3.24
C VAL B 185 -25.64 -26.60 -2.12
N TYR B 186 -26.18 -26.06 -1.04
CA TYR B 186 -26.62 -26.87 0.09
C TYR B 186 -27.68 -27.85 -0.41
N ASN B 187 -28.69 -27.33 -1.10
CA ASN B 187 -29.75 -28.20 -1.61
C ASN B 187 -29.24 -29.28 -2.54
N MET B 188 -28.23 -28.96 -3.33
CA MET B 188 -27.70 -29.96 -4.24
C MET B 188 -26.99 -31.04 -3.43
N VAL B 189 -26.14 -30.63 -2.50
CA VAL B 189 -25.43 -31.59 -1.67
C VAL B 189 -26.43 -32.47 -0.92
N ARG B 190 -27.47 -31.85 -0.37
CA ARG B 190 -28.48 -32.60 0.37
C ARG B 190 -29.16 -33.60 -0.57
N ASP B 191 -29.45 -33.18 -1.79
CA ASP B 191 -30.10 -34.05 -2.76
C ASP B 191 -29.19 -35.23 -3.09
N PHE B 192 -27.91 -34.95 -3.24
CA PHE B 192 -26.93 -35.99 -3.55
C PHE B 192 -26.87 -37.05 -2.45
N LYS B 193 -26.78 -36.62 -1.20
CA LYS B 193 -26.71 -37.55 -0.07
C LYS B 193 -27.98 -38.38 0.05
N GLN B 194 -29.12 -37.74 -0.22
CA GLN B 194 -30.39 -38.44 -0.13
C GLN B 194 -30.55 -39.52 -1.18
N ARG B 195 -30.04 -39.28 -2.39
CA ARG B 195 -30.17 -40.25 -3.47
C ARG B 195 -28.96 -41.16 -3.63
N GLY B 196 -27.96 -40.99 -2.78
CA GLY B 196 -26.78 -41.83 -2.89
C GLY B 196 -25.79 -41.40 -3.95
N VAL B 197 -25.72 -40.10 -4.23
CA VAL B 197 -24.75 -39.61 -5.21
C VAL B 197 -23.46 -39.43 -4.44
N PRO B 198 -22.34 -39.98 -4.95
CA PRO B 198 -21.03 -39.89 -4.31
C PRO B 198 -20.43 -38.50 -4.11
N ILE B 199 -20.41 -38.02 -2.87
CA ILE B 199 -19.81 -36.72 -2.54
C ILE B 199 -19.41 -36.77 -1.07
N ASP B 200 -18.16 -36.44 -0.79
CA ASP B 200 -17.63 -36.50 0.57
C ASP B 200 -17.29 -35.15 1.17
N CYS B 201 -17.22 -34.13 0.34
CA CYS B 201 -16.80 -32.84 0.85
C CYS B 201 -17.27 -31.65 0.04
N VAL B 202 -17.32 -30.51 0.71
CA VAL B 202 -17.70 -29.26 0.07
C VAL B 202 -16.58 -28.28 0.37
N GLY B 203 -16.00 -27.73 -0.68
CA GLY B 203 -14.91 -26.78 -0.48
C GLY B 203 -15.43 -25.37 -0.60
N PHE B 204 -15.11 -24.54 0.40
CA PHE B 204 -15.55 -23.15 0.40
C PHE B 204 -14.29 -22.35 0.09
N GLN B 205 -14.19 -21.92 -1.17
CA GLN B 205 -13.02 -21.18 -1.62
C GLN B 205 -12.59 -20.09 -0.65
N SER B 206 -13.56 -19.34 -0.13
CA SER B 206 -13.23 -18.29 0.82
C SER B 206 -12.36 -17.14 0.28
N HIS B 207 -12.75 -16.62 -0.88
CA HIS B 207 -12.04 -15.48 -1.47
C HIS B 207 -12.84 -14.29 -0.95
N PHE B 208 -12.45 -13.76 0.21
CA PHE B 208 -13.14 -12.64 0.83
C PHE B 208 -12.58 -11.26 0.45
N ASN B 209 -13.48 -10.33 0.15
CA ASN B 209 -13.10 -8.96 -0.18
C ASN B 209 -14.32 -8.07 0.13
N SER B 210 -14.16 -6.75 0.00
CA SER B 210 -15.28 -5.86 0.31
C SER B 210 -16.51 -6.08 -0.57
N GLY B 211 -16.34 -6.80 -1.67
CA GLY B 211 -17.46 -7.09 -2.54
C GLY B 211 -18.28 -8.25 -1.98
N SER B 212 -17.59 -9.27 -1.48
CA SER B 212 -18.25 -10.42 -0.88
C SER B 212 -17.45 -10.69 0.38
N PRO B 213 -17.71 -9.90 1.42
CA PRO B 213 -17.05 -9.96 2.74
C PRO B 213 -17.34 -11.14 3.64
N TYR B 214 -16.42 -11.37 4.56
CA TYR B 214 -16.57 -12.44 5.52
C TYR B 214 -17.70 -12.02 6.46
N ASN B 215 -18.48 -13.00 6.90
CA ASN B 215 -19.57 -12.76 7.82
C ASN B 215 -19.52 -13.89 8.83
N SER B 216 -19.60 -13.55 10.11
CA SER B 216 -19.54 -14.55 11.17
C SER B 216 -20.51 -15.71 10.98
N ASN B 217 -21.57 -15.53 10.20
CA ASN B 217 -22.52 -16.64 10.00
C ASN B 217 -21.88 -17.77 9.19
N PHE B 218 -20.59 -17.63 8.91
CA PHE B 218 -19.85 -18.63 8.15
C PHE B 218 -19.77 -19.93 8.94
N ARG B 219 -19.70 -19.79 10.27
CA ARG B 219 -19.64 -20.97 11.11
C ARG B 219 -20.91 -21.80 10.95
N THR B 220 -22.07 -21.15 10.88
CA THR B 220 -23.31 -21.91 10.72
C THR B 220 -23.31 -22.56 9.36
N THR B 221 -22.91 -21.82 8.33
CA THR B 221 -22.85 -22.37 6.98
C THR B 221 -22.05 -23.66 7.03
N LEU B 222 -20.90 -23.63 7.70
CA LEU B 222 -20.07 -24.81 7.81
C LEU B 222 -20.80 -25.94 8.55
N GLN B 223 -21.48 -25.59 9.65
CA GLN B 223 -22.21 -26.57 10.44
C GLN B 223 -23.37 -27.15 9.62
N ASN B 224 -24.05 -26.27 8.89
CA ASN B 224 -25.16 -26.72 8.07
C ASN B 224 -24.74 -27.79 7.09
N PHE B 225 -23.64 -27.56 6.37
CA PHE B 225 -23.17 -28.56 5.43
C PHE B 225 -22.66 -29.80 6.17
N ALA B 226 -21.87 -29.58 7.23
CA ALA B 226 -21.32 -30.69 8.01
C ALA B 226 -22.43 -31.65 8.44
N ALA B 227 -23.57 -31.08 8.82
CA ALA B 227 -24.72 -31.85 9.27
C ALA B 227 -25.33 -32.73 8.17
N LEU B 228 -24.94 -32.50 6.92
CA LEU B 228 -25.46 -33.31 5.82
C LEU B 228 -24.66 -34.60 5.68
N GLY B 229 -23.58 -34.72 6.43
CA GLY B 229 -22.79 -35.93 6.34
C GLY B 229 -21.63 -35.82 5.38
N VAL B 230 -21.06 -34.62 5.27
CA VAL B 230 -19.92 -34.41 4.40
C VAL B 230 -18.90 -33.58 5.14
N ASP B 231 -17.64 -33.69 4.75
CA ASP B 231 -16.62 -32.86 5.37
C ASP B 231 -16.65 -31.51 4.67
N VAL B 232 -16.01 -30.53 5.28
CA VAL B 232 -15.96 -29.20 4.69
C VAL B 232 -14.50 -28.77 4.73
N ALA B 233 -14.09 -27.94 3.78
CA ALA B 233 -12.71 -27.46 3.74
C ALA B 233 -12.65 -26.05 3.19
N ILE B 234 -11.75 -25.25 3.76
CA ILE B 234 -11.52 -23.89 3.31
C ILE B 234 -10.38 -24.11 2.33
N THR B 235 -10.73 -24.05 1.06
CA THR B 235 -9.83 -24.36 -0.03
C THR B 235 -9.01 -23.31 -0.75
N GLU B 236 -9.41 -22.05 -0.71
CA GLU B 236 -8.68 -21.02 -1.46
C GLU B 236 -8.67 -19.69 -0.73
N LEU B 237 -8.48 -19.77 0.57
CA LEU B 237 -8.50 -18.60 1.43
C LEU B 237 -7.52 -17.48 1.17
N ASP B 238 -8.08 -16.28 1.03
CA ASP B 238 -7.34 -15.04 0.90
C ASP B 238 -8.34 -13.95 1.21
N ILE B 239 -7.88 -12.95 1.95
CA ILE B 239 -8.71 -11.84 2.37
C ILE B 239 -8.16 -10.50 1.92
N GLN B 240 -8.96 -9.77 1.15
CA GLN B 240 -8.54 -8.45 0.67
C GLN B 240 -8.13 -7.60 1.86
N GLY B 241 -6.87 -7.15 1.87
CA GLY B 241 -6.41 -6.34 2.98
C GLY B 241 -5.74 -7.19 4.05
N ALA B 242 -6.11 -8.46 4.10
CA ALA B 242 -5.55 -9.39 5.07
C ALA B 242 -5.79 -8.99 6.53
N SER B 243 -7.03 -8.62 6.85
CA SER B 243 -7.35 -8.24 8.22
C SER B 243 -6.92 -9.34 9.20
N SER B 244 -6.24 -8.96 10.27
CA SER B 244 -5.82 -9.95 11.26
C SER B 244 -7.04 -10.59 11.91
N SER B 245 -8.04 -9.77 12.22
CA SER B 245 -9.28 -10.22 12.84
C SER B 245 -10.05 -11.19 11.96
N THR B 246 -10.14 -10.88 10.67
CA THR B 246 -10.87 -11.71 9.74
C THR B 246 -10.17 -13.06 9.56
N TYR B 247 -8.85 -13.02 9.42
CA TYR B 247 -8.10 -14.26 9.27
C TYR B 247 -8.27 -15.13 10.53
N ALA B 248 -8.24 -14.51 11.70
CA ALA B 248 -8.41 -15.24 12.95
C ALA B 248 -9.83 -15.79 13.05
N ALA B 249 -10.80 -15.01 12.60
CA ALA B 249 -12.20 -15.41 12.65
C ALA B 249 -12.45 -16.65 11.79
N VAL B 250 -11.93 -16.63 10.56
CA VAL B 250 -12.09 -17.74 9.64
C VAL B 250 -11.48 -19.00 10.23
N THR B 251 -10.29 -18.87 10.80
CA THR B 251 -9.60 -20.00 11.41
C THR B 251 -10.42 -20.58 12.56
N ASN B 252 -10.96 -19.73 13.41
CA ASN B 252 -11.74 -20.23 14.53
C ASN B 252 -13.04 -20.88 14.10
N ASP B 253 -13.61 -20.44 12.97
CA ASP B 253 -14.84 -21.05 12.49
C ASP B 253 -14.57 -22.48 12.08
N CYS B 254 -13.50 -22.70 11.33
CA CYS B 254 -13.12 -24.05 10.90
C CYS B 254 -12.83 -24.93 12.10
N LEU B 255 -12.08 -24.38 13.05
CA LEU B 255 -11.71 -25.10 14.26
C LEU B 255 -12.93 -25.37 15.15
N ALA B 256 -14.02 -24.67 14.89
CA ALA B 256 -15.24 -24.84 15.66
C ALA B 256 -16.12 -25.97 15.12
N VAL B 257 -15.86 -26.39 13.89
CA VAL B 257 -16.65 -27.44 13.26
C VAL B 257 -15.77 -28.69 13.12
N SER B 258 -16.09 -29.74 13.86
CA SER B 258 -15.28 -30.96 13.83
C SER B 258 -15.04 -31.53 12.44
N ARG B 259 -15.97 -31.30 11.52
CA ARG B 259 -15.84 -31.80 10.15
C ARG B 259 -15.01 -30.92 9.21
N CYS B 260 -14.51 -29.78 9.71
CA CYS B 260 -13.69 -28.92 8.88
C CYS B 260 -12.28 -29.52 8.89
N LEU B 261 -11.88 -30.08 7.74
CA LEU B 261 -10.60 -30.76 7.59
C LEU B 261 -9.36 -29.89 7.67
N GLY B 262 -9.44 -28.67 7.16
CA GLY B 262 -8.29 -27.80 7.19
C GLY B 262 -8.49 -26.53 6.40
N ILE B 263 -7.43 -25.74 6.30
CA ILE B 263 -7.47 -24.47 5.60
C ILE B 263 -6.33 -24.35 4.61
N THR B 264 -6.65 -23.93 3.39
CA THR B 264 -5.63 -23.69 2.38
C THR B 264 -5.72 -22.23 1.96
N VAL B 265 -4.60 -21.51 2.06
CA VAL B 265 -4.58 -20.12 1.61
C VAL B 265 -4.10 -20.17 0.16
N TRP B 266 -4.74 -19.41 -0.70
CA TRP B 266 -4.41 -19.43 -2.12
C TRP B 266 -3.13 -18.69 -2.50
N GLY B 267 -1.99 -19.21 -2.05
CA GLY B 267 -0.72 -18.59 -2.34
C GLY B 267 0.20 -18.46 -1.14
N VAL B 268 1.49 -18.25 -1.41
CA VAL B 268 2.49 -18.10 -0.37
C VAL B 268 2.66 -16.62 -0.01
N ARG B 269 3.30 -15.85 -0.89
CA ARG B 269 3.54 -14.42 -0.65
C ARG B 269 2.56 -13.55 -1.42
N ASP B 270 2.27 -12.35 -0.90
CA ASP B 270 1.37 -11.45 -1.59
C ASP B 270 1.74 -11.28 -3.06
N THR B 271 3.04 -11.30 -3.33
CA THR B 271 3.54 -11.15 -4.69
C THR B 271 3.23 -12.34 -5.59
N ASP B 272 2.87 -13.48 -4.98
CA ASP B 272 2.55 -14.70 -5.74
C ASP B 272 1.05 -14.80 -5.96
N SER B 273 0.29 -13.93 -5.30
CA SER B 273 -1.16 -13.95 -5.40
C SER B 273 -1.75 -13.60 -6.74
N TRP B 274 -2.86 -14.25 -7.08
CA TRP B 274 -3.54 -13.97 -8.33
C TRP B 274 -4.17 -12.59 -8.20
N ARG B 275 -4.20 -12.07 -6.97
CA ARG B 275 -4.74 -10.74 -6.68
C ARG B 275 -3.78 -10.01 -5.73
N SER B 276 -2.53 -9.91 -6.15
CA SER B 276 -1.49 -9.26 -5.35
C SER B 276 -1.92 -7.84 -4.95
N GLY B 277 -2.68 -7.19 -5.82
CA GLY B 277 -3.15 -5.85 -5.53
C GLY B 277 -3.96 -5.79 -4.25
N ASP B 278 -4.57 -6.90 -3.87
CA ASP B 278 -5.36 -6.94 -2.64
C ASP B 278 -4.52 -7.37 -1.42
N THR B 279 -3.21 -7.54 -1.63
CA THR B 279 -2.29 -7.98 -0.56
C THR B 279 -3.11 -8.85 0.40
N PRO B 280 -3.69 -9.93 -0.12
CA PRO B 280 -4.53 -10.87 0.64
C PRO B 280 -3.94 -12.09 1.33
N LEU B 281 -2.64 -12.30 1.22
CA LEU B 281 -2.03 -13.48 1.84
C LEU B 281 -1.37 -13.24 3.20
N LEU B 282 -0.66 -14.26 3.71
CA LEU B 282 -0.02 -14.17 5.02
C LEU B 282 1.45 -13.75 5.03
N PHE B 283 2.10 -13.79 3.87
CA PHE B 283 3.50 -13.36 3.77
C PHE B 283 3.60 -12.25 2.73
N ASN B 284 4.48 -11.28 2.95
CA ASN B 284 4.62 -10.23 1.95
C ASN B 284 5.80 -10.53 1.02
N GLY B 285 5.99 -9.67 0.03
CA GLY B 285 7.04 -9.86 -0.96
C GLY B 285 8.41 -10.32 -0.53
N ASP B 286 8.95 -9.72 0.53
CA ASP B 286 10.29 -10.08 1.01
C ASP B 286 10.28 -11.34 1.87
N GLY B 287 9.15 -12.03 1.91
CA GLY B 287 9.05 -13.25 2.68
C GLY B 287 8.76 -13.16 4.15
N SER B 288 8.62 -11.94 4.68
CA SER B 288 8.35 -11.79 6.11
C SER B 288 6.89 -12.04 6.47
N LYS B 289 6.69 -12.46 7.72
CA LYS B 289 5.37 -12.76 8.23
C LYS B 289 4.59 -11.49 8.48
N LYS B 290 3.36 -11.45 7.99
CA LYS B 290 2.50 -10.30 8.18
C LYS B 290 1.79 -10.44 9.52
N ALA B 291 1.16 -9.37 9.98
CA ALA B 291 0.45 -9.39 11.26
C ALA B 291 -0.59 -10.50 11.25
N ALA B 292 -1.24 -10.72 10.12
CA ALA B 292 -2.27 -11.75 10.00
C ALA B 292 -1.69 -13.16 10.14
N TYR B 293 -0.40 -13.32 9.86
CA TYR B 293 0.20 -14.63 10.01
C TYR B 293 0.16 -14.98 11.49
N THR B 294 0.58 -14.02 12.31
CA THR B 294 0.61 -14.21 13.75
C THR B 294 -0.78 -14.48 14.32
N ALA B 295 -1.77 -13.76 13.81
CA ALA B 295 -3.14 -13.95 14.29
C ALA B 295 -3.66 -15.33 13.89
N VAL B 296 -3.21 -15.84 12.75
CA VAL B 296 -3.65 -17.17 12.32
C VAL B 296 -3.03 -18.23 13.21
N LEU B 297 -1.72 -18.13 13.40
CA LEU B 297 -0.97 -19.08 14.22
C LEU B 297 -1.52 -19.10 15.64
N ASN B 298 -1.68 -17.92 16.23
CA ASN B 298 -2.19 -17.84 17.59
C ASN B 298 -3.58 -18.48 17.67
N ALA B 299 -4.39 -18.28 16.62
CA ALA B 299 -5.73 -18.85 16.59
C ALA B 299 -5.65 -20.38 16.54
N LEU B 300 -4.72 -20.89 15.75
CA LEU B 300 -4.55 -22.33 15.61
C LEU B 300 -4.09 -22.93 16.95
N ASN B 301 -3.25 -22.18 17.66
CA ASN B 301 -2.74 -22.62 18.95
C ASN B 301 -3.75 -22.44 20.09
N GLY B 302 -4.99 -22.11 19.74
CA GLY B 302 -6.01 -21.94 20.76
C GLY B 302 -6.29 -20.50 21.18
N GLY B 303 -5.57 -19.57 20.58
CA GLY B 303 -5.76 -18.17 20.93
C GLY B 303 -5.20 -17.89 22.30
N SER B 304 -5.53 -16.73 22.85
CA SER B 304 -5.04 -16.34 24.17
C SER B 304 -6.12 -16.49 25.23
N SER B 305 -5.68 -16.59 26.49
CA SER B 305 -6.58 -16.76 27.60
C SER B 305 -7.44 -15.51 27.83
N THR B 306 -6.81 -14.34 27.78
CA THR B 306 -7.54 -13.09 27.98
C THR B 306 -7.67 -12.28 26.69
N PRO B 307 -8.84 -11.64 26.49
CA PRO B 307 -9.13 -10.82 25.32
C PRO B 307 -8.23 -9.59 25.20
N PRO B 308 -7.76 -9.27 23.98
CA PRO B 308 -6.91 -8.11 23.74
C PRO B 308 -7.65 -6.80 24.01
N PRO B 309 -6.92 -5.71 24.24
CA PRO B 309 -7.51 -4.39 24.50
C PRO B 309 -8.44 -3.94 23.37
N SER B 310 -9.74 -3.88 23.66
CA SER B 310 -10.72 -3.47 22.67
C SER B 310 -10.68 -1.95 22.53
N GLY B 311 -10.07 -1.47 21.45
CA GLY B 311 -9.97 -0.05 21.22
C GLY B 311 -9.11 0.63 22.26
N GLY B 312 -7.95 1.13 21.84
CA GLY B 312 -7.05 1.79 22.76
C GLY B 312 -6.32 0.79 23.65
N GLY B 313 -5.58 1.30 24.63
CA GLY B 313 -4.86 0.42 25.53
C GLY B 313 -3.41 0.85 25.68
N GLN B 314 -2.79 0.42 26.78
CA GLN B 314 -1.39 0.76 27.04
C GLN B 314 -0.48 -0.45 26.86
N ILE B 315 0.77 -0.19 26.48
CA ILE B 315 1.75 -1.25 26.30
C ILE B 315 2.76 -1.16 27.43
N LYS B 316 2.66 -2.08 28.38
CA LYS B 316 3.56 -2.09 29.53
C LYS B 316 4.58 -3.21 29.46
N GLY B 317 5.86 -2.85 29.59
CA GLY B 317 6.92 -3.84 29.54
C GLY B 317 7.08 -4.54 30.89
N VAL B 318 7.29 -5.84 30.86
CA VAL B 318 7.45 -6.63 32.07
C VAL B 318 8.72 -6.27 32.82
N GLY B 319 9.81 -6.09 32.08
CA GLY B 319 11.08 -5.77 32.71
C GLY B 319 11.30 -4.29 32.98
N SER B 320 10.26 -3.62 33.47
CA SER B 320 10.36 -2.19 33.78
C SER B 320 9.08 -1.73 34.46
N GLY B 321 7.94 -2.23 33.99
CA GLY B 321 6.67 -1.84 34.57
C GLY B 321 6.12 -0.57 33.96
N ARG B 322 6.93 0.13 33.18
CA ARG B 322 6.51 1.36 32.53
C ARG B 322 5.73 1.11 31.25
N CYS B 323 5.01 2.13 30.80
CA CYS B 323 4.21 2.04 29.59
C CYS B 323 4.89 2.77 28.43
N LEU B 324 4.68 2.25 27.22
CA LEU B 324 5.26 2.87 26.03
C LEU B 324 4.66 4.28 25.99
N ASP B 325 5.52 5.27 25.96
CA ASP B 325 5.06 6.66 25.97
C ASP B 325 5.82 7.59 25.04
N VAL B 326 5.07 8.45 24.36
CA VAL B 326 5.66 9.42 23.44
C VAL B 326 6.07 10.64 24.26
N PRO B 327 7.37 10.98 24.25
CA PRO B 327 7.88 12.13 25.00
C PRO B 327 6.98 13.37 24.95
N ASN B 328 6.64 13.89 26.14
CA ASN B 328 5.81 15.07 26.28
C ASN B 328 4.55 15.08 25.41
N ALA B 329 3.93 13.92 25.26
CA ALA B 329 2.72 13.80 24.46
C ALA B 329 2.84 14.53 23.12
N SER B 330 4.07 14.59 22.60
CA SER B 330 4.34 15.25 21.33
C SER B 330 3.65 14.54 20.17
N THR B 331 3.41 15.28 19.09
CA THR B 331 2.78 14.74 17.90
C THR B 331 3.63 15.08 16.68
N THR B 332 4.91 15.30 16.91
CA THR B 332 5.82 15.65 15.83
C THR B 332 6.47 14.42 15.21
N ASP B 333 6.37 14.31 13.89
CA ASP B 333 6.95 13.18 13.19
C ASP B 333 8.44 13.05 13.51
N GLY B 334 8.89 11.82 13.73
CA GLY B 334 10.29 11.60 14.04
C GLY B 334 10.61 11.61 15.52
N THR B 335 9.57 11.60 16.36
CA THR B 335 9.77 11.61 17.80
C THR B 335 9.97 10.20 18.35
N GLN B 336 11.16 9.93 18.87
CA GLN B 336 11.46 8.62 19.42
C GLN B 336 10.64 8.40 20.69
N VAL B 337 10.02 7.22 20.80
CA VAL B 337 9.20 6.90 21.96
C VAL B 337 10.06 6.47 23.14
N GLN B 338 9.46 6.43 24.32
CA GLN B 338 10.20 6.07 25.54
C GLN B 338 9.36 5.29 26.55
N LEU B 339 10.03 4.87 27.63
CA LEU B 339 9.40 4.15 28.71
C LEU B 339 9.02 5.18 29.77
N TYR B 340 7.86 5.02 30.37
CA TYR B 340 7.42 5.95 31.40
C TYR B 340 6.26 5.38 32.20
N ASP B 341 6.20 5.75 33.48
CA ASP B 341 5.15 5.29 34.38
C ASP B 341 3.80 5.42 33.68
N CYS B 342 2.94 4.41 33.88
CA CYS B 342 1.63 4.38 33.25
C CYS B 342 0.59 5.33 33.87
N HIS B 343 -0.33 5.78 33.03
CA HIS B 343 -1.42 6.65 33.46
C HIS B 343 -2.34 6.96 32.28
N SER B 344 -3.51 7.52 32.58
CA SER B 344 -4.47 7.86 31.54
C SER B 344 -4.06 9.10 30.74
N ALA B 345 -3.37 8.85 29.63
CA ALA B 345 -2.91 9.93 28.76
C ALA B 345 -2.81 9.38 27.33
N THR B 346 -3.48 10.04 26.40
CA THR B 346 -3.50 9.62 25.00
C THR B 346 -2.12 9.24 24.46
N ASN B 347 -1.09 10.00 24.85
CA ASN B 347 0.27 9.74 24.38
C ASN B 347 0.83 8.42 24.92
N GLN B 348 -0.06 7.62 25.51
CA GLN B 348 0.32 6.33 26.06
C GLN B 348 -0.74 5.30 25.70
N GLN B 349 -1.71 5.73 24.90
CA GLN B 349 -2.79 4.86 24.46
C GLN B 349 -2.57 4.45 23.01
N TRP B 350 -2.08 3.23 22.81
CA TRP B 350 -1.82 2.71 21.49
C TRP B 350 -2.92 1.74 21.06
N THR B 351 -3.23 1.74 19.77
CA THR B 351 -4.25 0.85 19.23
C THR B 351 -3.63 -0.05 18.17
N TYR B 352 -3.85 -1.36 18.32
CA TYR B 352 -3.34 -2.33 17.36
C TYR B 352 -4.44 -2.53 16.32
N THR B 353 -4.15 -2.13 15.09
CA THR B 353 -5.12 -2.26 14.01
C THR B 353 -5.06 -3.60 13.28
N ASP B 354 -6.11 -3.92 12.54
CA ASP B 354 -6.16 -5.18 11.80
C ASP B 354 -5.07 -5.22 10.76
N ALA B 355 -4.44 -4.08 10.50
CA ALA B 355 -3.37 -3.99 9.53
C ALA B 355 -2.00 -4.16 10.21
N GLY B 356 -2.03 -4.34 11.54
CA GLY B 356 -0.79 -4.53 12.28
C GLY B 356 -0.10 -3.28 12.77
N GLU B 357 -0.81 -2.16 12.76
CA GLU B 357 -0.23 -0.89 13.22
C GLU B 357 -0.45 -0.65 14.70
N LEU B 358 0.44 0.14 15.28
CA LEU B 358 0.33 0.54 16.67
C LEU B 358 0.16 2.06 16.60
N ARG B 359 -1.10 2.48 16.50
CA ARG B 359 -1.44 3.89 16.37
C ARG B 359 -1.63 4.62 17.69
N VAL B 360 -1.26 5.91 17.66
CA VAL B 360 -1.41 6.80 18.80
C VAL B 360 -1.94 8.12 18.22
N TYR B 361 -2.88 8.74 18.92
CA TYR B 361 -3.47 9.99 18.48
C TYR B 361 -4.45 9.73 17.34
N GLY B 362 -4.61 8.47 16.97
CA GLY B 362 -5.54 8.11 15.91
C GLY B 362 -4.96 8.08 14.51
N ASP B 363 -3.88 8.82 14.25
CA ASP B 363 -3.32 8.83 12.91
C ASP B 363 -1.80 8.95 12.89
N LYS B 364 -1.18 8.55 13.99
CA LYS B 364 0.27 8.56 14.09
C LYS B 364 0.62 7.10 14.33
N CYS B 365 1.65 6.62 13.63
CA CYS B 365 2.05 5.23 13.74
C CYS B 365 3.42 4.95 14.33
N LEU B 366 3.52 3.86 15.10
CA LEU B 366 4.80 3.46 15.67
C LEU B 366 5.61 3.20 14.40
N ASP B 367 6.74 3.90 14.28
CA ASP B 367 7.54 3.85 13.07
C ASP B 367 9.01 3.56 13.32
N ALA B 368 9.62 2.78 12.43
CA ALA B 368 11.04 2.47 12.54
C ALA B 368 11.74 3.01 11.30
N ALA B 369 12.70 3.91 11.51
CA ALA B 369 13.45 4.48 10.40
C ALA B 369 14.74 3.68 10.23
N GLY B 370 14.59 2.43 9.81
CA GLY B 370 15.74 1.58 9.62
C GLY B 370 15.35 0.14 9.87
N THR B 371 16.26 -0.79 9.59
CA THR B 371 15.97 -2.20 9.79
C THR B 371 17.01 -2.89 10.68
N GLY B 372 18.12 -2.21 10.93
CA GLY B 372 19.16 -2.78 11.76
C GLY B 372 19.00 -2.53 13.24
N ASN B 373 19.91 -3.10 14.02
CA ASN B 373 19.89 -2.93 15.48
C ASN B 373 20.18 -1.48 15.85
N GLY B 374 19.57 -1.01 16.93
CA GLY B 374 19.80 0.35 17.37
C GLY B 374 18.83 1.34 16.76
N THR B 375 18.18 0.95 15.66
CA THR B 375 17.22 1.82 15.00
C THR B 375 16.23 2.37 16.01
N LYS B 376 16.07 3.68 16.02
CA LYS B 376 15.15 4.32 16.95
C LYS B 376 13.69 4.08 16.55
N VAL B 377 12.86 3.76 17.54
CA VAL B 377 11.44 3.55 17.29
C VAL B 377 10.79 4.89 17.59
N GLN B 378 10.11 5.43 16.59
CA GLN B 378 9.48 6.73 16.70
C GLN B 378 8.03 6.70 16.24
N ILE B 379 7.44 7.88 16.13
CA ILE B 379 6.07 8.02 15.64
C ILE B 379 6.16 8.74 14.31
N TYR B 380 5.34 8.32 13.36
CA TYR B 380 5.33 8.95 12.04
C TYR B 380 3.91 8.81 11.50
N SER B 381 3.55 9.70 10.59
CA SER B 381 2.22 9.68 10.01
C SER B 381 1.96 8.30 9.44
N CYS B 382 0.80 7.73 9.75
CA CYS B 382 0.43 6.40 9.27
C CYS B 382 0.25 6.37 7.75
N TRP B 383 1.00 5.50 7.07
CA TRP B 383 0.85 5.39 5.62
C TRP B 383 0.84 3.96 5.12
N GLY B 384 0.92 3.00 6.04
CA GLY B 384 0.88 1.60 5.65
C GLY B 384 2.19 0.89 5.39
N GLY B 385 3.31 1.59 5.54
CA GLY B 385 4.60 0.96 5.31
C GLY B 385 4.87 -0.25 6.21
N ASP B 386 5.67 -1.19 5.72
CA ASP B 386 5.98 -2.38 6.51
C ASP B 386 6.77 -2.02 7.75
N ASN B 387 7.38 -0.84 7.75
CA ASN B 387 8.16 -0.37 8.90
C ASN B 387 7.22 0.26 9.91
N GLN B 388 5.93 0.16 9.65
CA GLN B 388 4.92 0.69 10.56
C GLN B 388 4.01 -0.44 11.00
N LYS B 389 4.36 -1.66 10.62
CA LYS B 389 3.58 -2.82 10.99
C LYS B 389 4.33 -3.72 11.96
N TRP B 390 3.59 -4.29 12.91
CA TRP B 390 4.19 -5.13 13.92
C TRP B 390 3.39 -6.40 14.18
N ARG B 391 4.07 -7.41 14.70
CA ARG B 391 3.43 -8.68 15.04
C ARG B 391 3.54 -8.85 16.55
N LEU B 392 2.45 -9.27 17.17
CA LEU B 392 2.42 -9.46 18.62
C LEU B 392 2.54 -10.95 18.95
N ASN B 393 3.77 -11.41 19.10
CA ASN B 393 4.04 -12.81 19.40
C ASN B 393 3.44 -13.24 20.73
N SER B 394 3.03 -14.49 20.80
CA SER B 394 2.42 -15.04 22.01
C SER B 394 3.35 -14.94 23.22
N ASP B 395 4.65 -14.83 22.98
CA ASP B 395 5.61 -14.72 24.08
C ASP B 395 5.65 -13.31 24.65
N GLY B 396 4.74 -12.46 24.19
CA GLY B 396 4.69 -11.09 24.68
C GLY B 396 5.62 -10.10 24.00
N SER B 397 6.30 -10.55 22.94
CA SER B 397 7.21 -9.67 22.22
C SER B 397 6.49 -8.97 21.06
N ILE B 398 7.10 -7.92 20.52
CA ILE B 398 6.53 -7.17 19.41
C ILE B 398 7.61 -7.00 18.35
N VAL B 399 7.48 -7.75 17.26
CA VAL B 399 8.46 -7.73 16.17
C VAL B 399 8.07 -6.87 14.98
N GLY B 400 9.07 -6.23 14.37
CA GLY B 400 8.82 -5.40 13.21
C GLY B 400 8.66 -6.26 11.96
N VAL B 401 7.53 -6.11 11.29
CA VAL B 401 7.28 -6.87 10.07
C VAL B 401 8.42 -6.72 9.09
N GLN B 402 8.83 -5.48 8.82
CA GLN B 402 9.91 -5.23 7.86
C GLN B 402 11.30 -5.61 8.36
N SER B 403 11.63 -5.19 9.58
CA SER B 403 12.95 -5.44 10.16
C SER B 403 13.12 -6.85 10.72
N GLY B 404 12.06 -7.39 11.30
CA GLY B 404 12.15 -8.70 11.90
C GLY B 404 12.74 -8.58 13.29
N LEU B 405 12.98 -7.34 13.71
CA LEU B 405 13.54 -7.09 15.03
C LEU B 405 12.46 -6.78 16.07
N CYS B 406 12.84 -6.87 17.34
CA CYS B 406 11.92 -6.64 18.43
C CYS B 406 12.06 -5.30 19.13
N LEU B 407 10.94 -4.74 19.59
CA LEU B 407 10.95 -3.47 20.30
C LEU B 407 11.83 -3.70 21.52
N ASP B 408 12.90 -2.93 21.63
CA ASP B 408 13.86 -3.08 22.71
C ASP B 408 14.18 -1.80 23.48
N ALA B 409 14.10 -1.87 24.80
CA ALA B 409 14.41 -0.72 25.64
C ALA B 409 15.92 -0.63 25.75
N VAL B 410 16.49 0.42 25.16
CA VAL B 410 17.93 0.63 25.16
C VAL B 410 18.63 0.23 26.45
N GLY B 411 19.79 -0.43 26.31
CA GLY B 411 20.56 -0.86 27.46
C GLY B 411 19.75 -1.55 28.53
N GLY B 412 18.59 -2.07 28.15
CA GLY B 412 17.74 -2.75 29.11
C GLY B 412 17.33 -1.80 30.24
N GLY B 413 17.53 -0.51 30.02
CA GLY B 413 17.16 0.46 31.02
C GLY B 413 15.69 0.36 31.38
N THR B 414 15.37 0.60 32.65
CA THR B 414 14.00 0.52 33.11
C THR B 414 13.52 1.87 33.60
N ALA B 415 14.47 2.76 33.89
CA ALA B 415 14.17 4.10 34.37
C ALA B 415 13.37 4.91 33.35
N ASN B 416 12.63 5.91 33.81
CA ASN B 416 11.84 6.74 32.93
C ASN B 416 12.77 7.45 31.95
N GLY B 417 12.28 7.69 30.74
CA GLY B 417 13.11 8.35 29.75
C GLY B 417 13.90 7.35 28.92
N THR B 418 13.77 6.07 29.26
CA THR B 418 14.46 5.01 28.52
C THR B 418 13.89 4.98 27.11
N LEU B 419 14.77 5.15 26.13
CA LEU B 419 14.36 5.16 24.73
C LEU B 419 14.10 3.75 24.21
N ILE B 420 13.22 3.67 23.19
CA ILE B 420 12.88 2.40 22.58
C ILE B 420 13.64 2.28 21.25
N GLN B 421 14.15 1.09 20.98
CA GLN B 421 14.90 0.86 19.75
C GLN B 421 14.55 -0.51 19.16
N LEU B 422 15.17 -0.82 18.03
CA LEU B 422 14.97 -2.11 17.38
C LEU B 422 16.24 -2.91 17.60
N TYR B 423 16.09 -4.13 18.11
CA TYR B 423 17.25 -4.98 18.35
C TYR B 423 16.85 -6.42 18.11
N SER B 424 17.85 -7.25 17.81
CA SER B 424 17.59 -8.67 17.58
C SER B 424 16.69 -9.18 18.69
N CYS B 425 15.69 -9.99 18.33
CA CYS B 425 14.78 -10.53 19.31
C CYS B 425 15.47 -11.49 20.27
N SER B 426 15.02 -11.45 21.52
CA SER B 426 15.57 -12.31 22.57
C SER B 426 14.39 -12.87 23.33
N ASN B 427 14.42 -12.69 24.64
CA ASN B 427 13.35 -13.13 25.53
C ASN B 427 13.47 -12.32 26.80
N GLY B 428 14.38 -11.34 26.77
CA GLY B 428 14.61 -10.49 27.91
C GLY B 428 13.38 -9.66 28.23
N SER B 429 13.15 -9.42 29.52
CA SER B 429 12.00 -8.66 29.98
C SER B 429 11.96 -7.26 29.37
N ASN B 430 13.04 -6.87 28.71
CA ASN B 430 13.12 -5.55 28.08
C ASN B 430 12.60 -5.61 26.65
N GLN B 431 11.93 -6.72 26.31
CA GLN B 431 11.38 -6.92 24.98
C GLN B 431 9.97 -7.49 25.06
N ARG B 432 9.53 -7.85 26.27
CA ARG B 432 8.19 -8.38 26.45
C ARG B 432 7.29 -7.25 26.92
N TRP B 433 6.06 -7.25 26.41
CA TRP B 433 5.11 -6.20 26.77
C TRP B 433 3.77 -6.83 27.12
N THR B 434 2.96 -6.13 27.90
CA THR B 434 1.66 -6.64 28.31
C THR B 434 0.53 -5.70 27.93
N ARG B 435 -0.44 -6.21 27.18
CA ARG B 435 -1.59 -5.43 26.76
C ARG B 435 -2.46 -5.14 27.98
N THR B 436 -3.07 -3.96 28.00
CA THR B 436 -3.91 -3.55 29.11
C THR B 436 -5.02 -2.61 28.64
O1 XYP C . 19.16 15.37 -4.06
C1 XYP C . 18.46 14.98 -5.19
C2 XYP C . 19.24 15.37 -6.45
C3 XYP C . 18.50 14.88 -7.66
C4 XYP C . 18.35 13.38 -7.56
C5 XYP C . 17.57 13.04 -6.29
O2 XYP C . 19.40 16.78 -6.48
O3 XYP C . 19.22 15.22 -8.84
O4 XYP C . 17.66 12.86 -8.71
O5 XYP C . 18.29 13.55 -5.14
C1 XYP C . 17.84 11.52 -8.95
C2 XYP C . 17.04 11.09 -10.18
C3 XYP C . 17.29 9.62 -10.45
C4 XYP C . 18.78 9.42 -10.67
C5 XYP C . 19.55 9.89 -9.44
O2 XYP C . 15.66 11.31 -9.94
O3 XYP C . 16.57 9.22 -11.60
O4 XYP C . 19.07 8.00 -10.89
O5 XYP C . 19.25 11.29 -9.18
C1 XYP C . 20.03 7.71 -11.85
C2 XYP C . 20.23 6.20 -11.94
C3 XYP C . 21.27 5.92 -13.01
C4 XYP C . 20.77 6.48 -14.33
C5 XYP C . 20.54 7.99 -14.17
O2 XYP C . 20.68 5.71 -10.69
O3 XYP C . 21.47 4.52 -13.12
O4 XYP C . 21.72 6.24 -15.35
O5 XYP C . 19.58 8.23 -13.11
O1 XYP D . 18.04 11.24 6.24
C1 XYP D . 18.40 10.70 5.02
C2 XYP D . 17.35 11.05 3.95
C3 XYP D . 17.79 10.48 2.61
C4 XYP D . 19.15 11.08 2.26
C5 XYP D . 20.15 10.74 3.38
O2 XYP D . 16.11 10.49 4.32
O3 XYP D . 16.85 10.82 1.62
O4 XYP D . 19.62 10.50 1.03
O5 XYP D . 19.68 11.26 4.64
C1 XYP D . 20.02 11.38 0.04
C2 XYP D . 20.51 10.59 -1.19
C3 XYP D . 20.93 11.57 -2.26
C4 XYP D . 19.74 12.40 -2.63
C5 XYP D . 19.24 13.16 -1.38
O2 XYP D . 21.63 9.80 -0.81
O3 XYP D . 21.37 10.85 -3.40
O4 XYP D . 20.11 13.33 -3.63
O5 XYP D . 18.90 12.21 -0.35
O1 XYP E . -25.02 13.67 -15.59
C1 XYP E . -25.63 13.64 -14.35
C2 XYP E . -27.14 13.37 -14.51
C3 XYP E . -27.78 13.30 -13.12
C4 XYP E . -27.10 12.19 -12.34
C5 XYP E . -25.59 12.49 -12.25
O2 XYP E . -27.74 14.40 -15.26
O3 XYP E . -29.16 13.03 -13.26
O4 XYP E . -27.63 12.13 -11.00
O5 XYP E . -25.02 12.59 -13.58
C1 XYP E . -27.72 10.87 -10.42
C2 XYP E . -28.24 10.98 -9.00
C3 XYP E . -28.34 9.58 -8.41
C4 XYP E . -29.28 8.76 -9.26
C5 XYP E . -28.74 8.71 -10.69
O2 XYP E . -27.36 11.78 -8.23
O3 XYP E . -28.80 9.66 -7.07
O4 XYP E . -29.39 7.44 -8.74
O5 XYP E . -28.62 10.06 -11.22
O1 XYP F . -12.19 -19.72 -7.43
C1 XYP F . -10.82 -19.88 -7.57
C2 XYP F . -10.54 -20.95 -8.63
C3 XYP F . -9.03 -21.08 -8.81
C4 XYP F . -8.50 -19.71 -9.24
C5 XYP F . -8.84 -18.68 -8.17
O2 XYP F . -11.08 -22.19 -8.21
O3 XYP F . -8.75 -22.05 -9.80
O4 XYP F . -7.07 -19.75 -9.41
O5 XYP F . -10.28 -18.61 -7.98
C1 XYP F . -6.56 -18.87 -10.36
C2 XYP F . -5.05 -18.98 -10.42
C3 XYP F . -4.53 -18.01 -11.48
C4 XYP F . -5.16 -18.38 -12.81
C5 XYP F . -6.69 -18.30 -12.68
O2 XYP F . -4.50 -18.62 -9.15
O3 XYP F . -3.12 -18.12 -11.56
O4 XYP F . -4.74 -17.44 -13.82
O5 XYP F . -7.14 -19.19 -11.64
C1 XYP F . -4.55 -17.97 -15.09
C2 XYP F . -4.14 -16.86 -16.06
C3 XYP F . -3.91 -17.48 -17.43
C4 XYP F . -2.81 -18.52 -17.30
C5 XYP F . -3.26 -19.59 -16.30
O2 XYP F . -5.17 -15.88 -16.13
O3 XYP F . -3.52 -16.46 -18.35
O4 XYP F . -2.58 -19.12 -18.57
O5 XYP F . -3.52 -18.97 -15.02
O1 XYP G . -22.85 -7.96 -6.46
C1 XYP G . -21.86 -8.75 -5.90
C2 XYP G . -21.81 -10.10 -6.61
C3 XYP G . -20.70 -10.94 -6.00
C4 XYP G . -19.39 -10.19 -6.17
C5 XYP G . -19.51 -8.83 -5.46
O2 XYP G . -23.06 -10.77 -6.46
O3 XYP G . -20.62 -12.19 -6.67
O4 XYP G . -18.29 -10.93 -5.58
O5 XYP G . -20.61 -8.07 -6.04
C1 XYP G . -17.32 -11.36 -6.48
C2 XYP G . -16.19 -12.09 -5.75
C3 XYP G . -15.15 -12.52 -6.78
C4 XYP G . -15.84 -13.44 -7.79
C5 XYP G . -17.00 -12.69 -8.43
O2 XYP G . -15.60 -11.21 -4.80
O3 XYP G . -14.09 -13.22 -6.13
O4 XYP G . -14.92 -13.79 -8.85
O5 XYP G . -17.94 -12.24 -7.43
C1 XYP G . -14.55 -15.12 -8.98
C2 XYP G . -13.61 -15.26 -10.18
C3 XYP G . -13.20 -16.70 -10.32
C4 XYP G . -12.49 -17.11 -9.06
C5 XYP G . -13.43 -16.93 -7.87
O2 XYP G . -14.31 -14.86 -11.36
O3 XYP G . -12.34 -16.85 -11.44
O4 XYP G . -12.12 -18.47 -9.19
O5 XYP G . -13.86 -15.54 -7.78
O1 XYP H . 20.54 -7.50 25.04
C1 XYP H . 20.61 -6.37 24.24
C2 XYP H . 19.84 -5.21 24.90
C3 XYP H . 19.98 -3.97 24.03
C4 XYP H . 21.46 -3.64 23.89
C5 XYP H . 22.18 -4.84 23.26
O2 XYP H . 18.48 -5.56 25.04
O3 XYP H . 19.29 -2.89 24.62
O4 XYP H . 21.62 -2.48 23.04
O5 XYP H . 22.00 -6.02 24.09
C1 XYP H . 22.51 -1.52 23.48
C2 XYP H . 22.58 -0.37 22.46
C3 XYP H . 23.54 0.70 22.98
C4 XYP H . 23.03 1.19 24.33
C5 XYP H . 22.96 0.00 25.29
O2 XYP H . 23.04 -0.86 21.22
O3 XYP H . 23.60 1.77 22.06
O4 XYP H . 23.90 2.18 24.84
O5 XYP H . 22.07 -1.03 24.76
O1 XYP I . -30.11 6.78 16.00
C1 XYP I . -30.29 6.33 14.69
C2 XYP I . -29.04 5.58 14.23
C3 XYP I . -29.27 5.04 12.83
C4 XYP I . -30.48 4.12 12.87
C5 XYP I . -31.69 4.91 13.36
O2 XYP I . -27.93 6.45 14.24
O3 XYP I . -28.13 4.33 12.40
O4 XYP I . -30.73 3.62 11.56
O5 XYP I . -31.43 5.44 14.68
O1 XYP J . 3.47 12.65 31.91
C1 XYP J . 4.74 12.34 31.42
C2 XYP J . 4.68 12.19 29.90
C3 XYP J . 6.08 11.89 29.39
C4 XYP J . 6.99 13.05 29.78
C5 XYP J . 6.98 13.18 31.31
O2 XYP J . 3.81 11.12 29.55
O3 XYP J . 6.06 11.76 27.97
O4 XYP J . 8.32 12.80 29.32
O5 XYP J . 5.63 13.42 31.79
#